data_7F4F
#
_entry.id   7F4F
#
_cell.length_a   1.00
_cell.length_b   1.00
_cell.length_c   1.00
_cell.angle_alpha   90.00
_cell.angle_beta   90.00
_cell.angle_gamma   90.00
#
_symmetry.space_group_name_H-M   'P 1'
#
loop_
_entity.id
_entity.type
_entity.pdbx_description
1 polymer scFv16
2 polymer 'Melanocortin-1 receptor'
3 polymer 'Guanine nucleotide-binding protein G(i) subunit alpha-1'
4 polymer 'Guanine nucleotide-binding protein G(I)/G(S)/G(O) subunit gamma-2'
5 polymer 'Guanine nucleotide-binding protein G(I)/G(S)/G(T) subunit beta-1'
6 polymer Afamelanotide
7 non-polymer 'CALCIUM ION'
#
loop_
_entity_poly.entity_id
_entity_poly.type
_entity_poly.pdbx_seq_one_letter_code
_entity_poly.pdbx_strand_id
1 'polypeptide(L)'
;MLLVNQSHQGFNKEHTSKMVSAIVLYVLLAAAAHSAFAVQLVESGGGLVQPGGSRKLSCSASGFAFSSFGMHWVRQAPEK
GLEWVAYISSGSGTIYYADTVKGRFTISRDDPKNTLFLQMTSLRSEDTAMYYCVRSIYYYGSSPFDFWGQGTTLTVSAGG
GGSGGGGSGGGGSADIVMTQATSSVPVTPGESVSISCRSSKSLLHSNGNTYLYWFLQRPGQSPQLLIYRMSNLASGVPDR
FSGSGSGTAFTLTISRLEAEDVGVYYCMQHLEYPLTFGAGTKLEL
;
S
2 'polypeptide(L)'
;MKTIIALSYIFCLVFAHHHHHHHHHHADLEDNWETLNDNLKVIEKADNAAQVKDALTKMRAAALDAQKATPPKLEDKSPD
SPEMKDFRHGFDILVGQIDDALKLANEGKVKEAQAAAEQLKTTRNAYIQKYLAVQGSQRRLLGSLNSTPTAIPQLGLAAN
QTGARCLEVSISDGLFLSLGLVSLVENALVVATIAKNRNLHSPMYCFICCLALSDLLVSGSNVLETAVILLLEAGALVAR
AAVLQQLDNVIDVITCSSMLSSLCFLGAIAVDRYISIFYALRYHSIVTLPRARRAVAAIWVASVVFSTLFIAYYDHVAVL
LCLVVFFLAMLVLMAVLYVHMLARACQHAQGIARLHKRQRPVHQGFGLKGAVTLTILLGIFFLCWGPFFLHLTLIVLCPE
HPTCGCIFKNFNLFLALIICNAIIDPLIYAFHSQELRRTLKEVLTCSWGSSGGGGSGGGGSSGVFTLEDFVGDWEQTAAY
NLDQVLEQGGVSSLLQNLAVSVTPIQRIVRSGENALKIDIHVIIPYEGLSADQMAQIEEVFKVVYPVDDHHFKVILPYGT
LVIDGVTPNMLNYFGRPYEGIAVFDGKKITVTGTLWNGNKIIDERLITPDGSMLFRVTINS
;
R
3 'polypeptide(L)'
;MGCTLSAEDKAAVERSKMIEKQLQKDKQVYRATHRLLLLGADNSGKSTIVKQMRIYHVNGYSEEECKQYKAVVYSNTIQS
IIAIIRAMGRLKIDFGDSARADDARQLFVLAGAAEEGFMTAELAGVIKRLWKDSGVQACFNRSREYQLNDSAAYYLNDLD
RIAQPNYIPTQQDVLRTRVKTSGIFETKFQVDKVNFHMFDVGAQRDERRKWIQCFNDVTAIIFVVDSSDYNRLQEALNDF
KSIWNNRWLRTISVILFLNKQDLLAEKVLAGKSKIEDYFPEFARYTTPEDATPEPGEDPRVTRAKYFIRDEFLRISTASG
DGRHYCYPHFTCSVDTENARRIFNDCRDIIQRMHLRQYELL
;
A
4 'polypeptide(L)' MASNNTASIAQARKLVEQLKMEANIDRIKVSKAAADLMAYCEAHAKEDPLLTPVPASENPFREKKFFCAIL G
5 'polypeptide(L)'
;MGSLLQSELDQLRQEAEQLKNQIRDARKACADATLSQITNNIDPVGRIQMRTRRTLRGHLAKIYAMHWGTDSRLLVSASQ
DGKLIIWDSYTTNKVHAIPLRSSWVMTCAYAPSGNYVACGGLDNICSIYNLKTREGNVRVSRELAGHTGYLSCCRFLDDN
QIVTSSGDTTCALWDIETGQQTTTFTGHTGDVMSLSLAPDTRLFVSGACDASAKLWDVREGMCRQTFTGHESDINAICFF
PNGNAFATGSDDATCRLFDLRADQELMTYSHDNIICGITSVSFSKSGRLLLAGYDDFNCNVWDALKADRAGVLAGHDNRV
SCLGVTDDGMAVATGSWDSFLKIWNGSSGGGGSGGGGSSGVSGWRLFKKIS
;
B
6 'polypeptide(L)' SYS(NLE)EH(DPN)RWGKPV F
#
loop_
_chem_comp.id
_chem_comp.type
_chem_comp.name
_chem_comp.formula
CA non-polymer 'CALCIUM ION' 'Ca 2'
#
# COMPACT_ATOMS: atom_id res chain seq x y z
N VAL A 39 6.61 32.72 -7.82
CA VAL A 39 7.29 32.06 -8.94
C VAL A 39 8.05 33.13 -9.71
N GLN A 40 9.35 32.90 -9.94
CA GLN A 40 10.14 33.95 -10.54
C GLN A 40 11.31 33.28 -11.28
N LEU A 41 11.02 32.72 -12.44
CA LEU A 41 12.04 32.33 -13.40
C LEU A 41 12.79 33.56 -13.88
N VAL A 42 14.12 33.59 -13.70
CA VAL A 42 14.94 34.71 -14.16
C VAL A 42 16.09 34.14 -14.99
N GLU A 43 16.01 34.34 -16.31
CA GLU A 43 17.05 33.89 -17.22
C GLU A 43 18.25 34.83 -17.21
N SER A 44 19.46 34.26 -17.32
CA SER A 44 20.70 35.01 -17.34
C SER A 44 21.63 34.48 -18.42
N GLY A 45 22.66 35.27 -18.73
CA GLY A 45 23.43 35.06 -19.94
C GLY A 45 23.17 36.09 -21.02
N GLY A 46 23.07 35.66 -22.27
CA GLY A 46 22.70 36.60 -23.31
C GLY A 46 23.76 37.65 -23.64
N GLY A 47 23.28 38.75 -24.21
CA GLY A 47 24.14 39.73 -24.85
C GLY A 47 24.58 39.29 -26.24
N LEU A 48 25.69 39.88 -26.70
CA LEU A 48 26.20 39.52 -28.01
C LEU A 48 27.11 38.29 -27.95
N VAL A 49 27.18 37.59 -29.08
CA VAL A 49 28.25 36.65 -29.39
C VAL A 49 28.58 36.75 -30.87
N GLN A 50 29.78 36.35 -31.21
CA GLN A 50 30.16 36.14 -32.60
C GLN A 50 29.57 34.83 -33.12
N PRO A 51 29.32 34.74 -34.42
CA PRO A 51 28.98 33.45 -35.03
C PRO A 51 30.04 32.40 -34.73
N GLY A 52 29.58 31.14 -34.65
CA GLY A 52 30.41 30.05 -34.19
C GLY A 52 30.71 30.07 -32.71
N GLY A 53 30.25 31.09 -32.00
CA GLY A 53 30.51 31.23 -30.58
C GLY A 53 29.74 30.22 -29.76
N SER A 54 29.95 30.32 -28.46
CA SER A 54 29.34 29.44 -27.48
C SER A 54 28.93 30.27 -26.28
N ARG A 55 27.76 29.95 -25.74
CA ARG A 55 27.19 30.69 -24.64
C ARG A 55 26.35 29.75 -23.81
N LYS A 56 26.48 29.86 -22.50
CA LYS A 56 25.65 29.14 -21.53
C LYS A 56 24.60 30.09 -20.97
N LEU A 57 23.36 29.97 -21.43
CA LEU A 57 22.23 30.57 -20.72
C LEU A 57 21.96 29.80 -19.43
N SER A 58 21.43 30.52 -18.43
CA SER A 58 20.93 29.89 -17.20
C SER A 58 19.62 30.54 -16.79
N CYS A 59 18.87 29.84 -15.93
CA CYS A 59 17.64 30.40 -15.35
C CYS A 59 17.48 29.91 -13.91
N SER A 60 17.56 30.84 -12.96
CA SER A 60 17.25 30.54 -11.57
C SER A 60 15.74 30.49 -11.36
N ALA A 61 15.28 29.43 -10.68
CA ALA A 61 13.85 29.16 -10.59
C ALA A 61 13.16 29.97 -9.50
N SER A 62 13.87 30.36 -8.45
CA SER A 62 13.30 31.05 -7.27
C SER A 62 12.15 30.20 -6.71
N GLY A 63 11.03 30.80 -6.32
CA GLY A 63 10.04 30.19 -5.43
C GLY A 63 9.06 29.18 -6.00
N PHE A 64 9.56 28.05 -6.49
CA PHE A 64 8.71 26.90 -6.80
C PHE A 64 9.53 25.61 -6.73
N ALA A 65 8.81 24.48 -6.68
CA ALA A 65 9.43 23.17 -6.55
C ALA A 65 10.11 22.70 -7.83
N PHE A 66 11.15 23.45 -8.22
CA PHE A 66 11.81 23.32 -9.52
C PHE A 66 12.10 21.87 -9.90
N SER A 67 12.60 21.06 -8.94
CA SER A 67 12.92 19.67 -9.26
C SER A 67 11.72 18.88 -9.79
N SER A 68 10.49 19.21 -9.39
CA SER A 68 9.31 18.47 -9.86
C SER A 68 8.82 18.93 -11.22
N PHE A 69 9.23 20.10 -11.68
CA PHE A 69 8.85 20.57 -13.00
C PHE A 69 9.79 20.08 -14.08
N GLY A 70 9.23 19.73 -15.22
CA GLY A 70 9.95 19.79 -16.47
C GLY A 70 10.19 21.22 -16.86
N MET A 71 11.24 21.45 -17.62
CA MET A 71 11.59 22.80 -18.04
C MET A 71 11.79 22.84 -19.54
N HIS A 72 11.31 23.91 -20.18
CA HIS A 72 11.47 24.14 -21.60
C HIS A 72 12.25 25.42 -21.80
N TRP A 73 13.02 25.47 -22.89
CA TRP A 73 13.46 26.74 -23.47
C TRP A 73 12.67 27.01 -24.73
N VAL A 74 12.15 28.23 -24.86
CA VAL A 74 11.44 28.68 -26.06
C VAL A 74 12.03 30.03 -26.47
N ARG A 75 12.32 30.19 -27.76
CA ARG A 75 12.94 31.42 -28.24
C ARG A 75 12.01 32.14 -29.20
N GLN A 76 12.12 33.47 -29.21
CA GLN A 76 11.38 34.35 -30.10
C GLN A 76 12.36 35.20 -30.91
N ALA A 77 12.38 35.02 -32.23
CA ALA A 77 13.18 35.89 -33.09
C ALA A 77 12.57 37.31 -33.07
N PRO A 78 13.39 38.34 -33.31
CA PRO A 78 12.98 39.73 -33.02
C PRO A 78 11.62 40.14 -33.58
N GLU A 79 11.20 39.63 -34.76
CA GLU A 79 9.93 40.03 -35.36
C GLU A 79 9.01 38.85 -35.62
N LYS A 80 9.30 37.70 -35.04
CA LYS A 80 8.70 36.48 -35.50
C LYS A 80 8.11 35.72 -34.31
N GLY A 81 7.32 34.70 -34.61
CA GLY A 81 6.70 33.94 -33.57
C GLY A 81 7.65 33.10 -32.73
N LEU A 82 7.08 32.45 -31.71
CA LEU A 82 7.82 31.58 -30.81
C LEU A 82 8.28 30.29 -31.49
N GLU A 83 9.38 29.76 -30.97
CA GLU A 83 10.01 28.54 -31.46
C GLU A 83 10.54 27.78 -30.24
N TRP A 84 10.03 26.57 -30.05
CA TRP A 84 10.53 25.70 -29.01
C TRP A 84 11.96 25.28 -29.30
N VAL A 85 12.78 25.28 -28.25
CA VAL A 85 14.21 25.01 -28.35
C VAL A 85 14.57 23.66 -27.74
N ALA A 86 14.30 23.49 -26.44
CA ALA A 86 14.72 22.27 -25.77
C ALA A 86 13.77 21.98 -24.62
N TYR A 87 13.84 20.74 -24.14
CA TYR A 87 13.09 20.28 -22.99
C TYR A 87 13.97 19.38 -22.13
N ILE A 88 13.86 19.53 -20.81
CA ILE A 88 14.41 18.59 -19.85
C ILE A 88 13.34 18.27 -18.81
N SER A 89 13.11 16.98 -18.62
CA SER A 89 12.13 16.51 -17.64
C SER A 89 12.60 16.77 -16.22
N SER A 90 11.65 16.69 -15.29
CA SER A 90 11.99 16.41 -13.90
C SER A 90 12.83 15.15 -13.81
N GLY A 91 13.94 15.25 -13.06
CA GLY A 91 14.90 14.18 -12.98
C GLY A 91 15.70 13.94 -14.23
N SER A 92 15.62 14.84 -15.20
CA SER A 92 16.49 14.86 -16.39
C SER A 92 16.36 13.61 -17.22
N GLY A 93 15.33 12.79 -16.98
CA GLY A 93 15.24 11.53 -17.68
C GLY A 93 15.05 11.74 -19.16
N THR A 94 13.92 12.32 -19.52
CA THR A 94 13.65 12.81 -20.86
C THR A 94 14.36 14.13 -21.14
N ILE A 95 15.10 14.16 -22.27
CA ILE A 95 15.60 15.38 -22.87
C ILE A 95 15.29 15.40 -24.36
N TYR A 96 14.71 16.50 -24.84
CA TYR A 96 14.33 16.62 -26.24
C TYR A 96 14.75 17.96 -26.78
N TYR A 97 15.01 18.02 -28.09
CA TYR A 97 15.50 19.23 -28.74
C TYR A 97 14.77 19.41 -30.06
N ALA A 98 14.72 20.66 -30.52
CA ALA A 98 14.32 20.96 -31.88
C ALA A 98 15.48 20.69 -32.83
N ASP A 99 15.14 20.27 -34.06
CA ASP A 99 16.16 19.98 -35.06
C ASP A 99 17.02 21.18 -35.41
N THR A 100 16.51 22.40 -35.22
CA THR A 100 17.28 23.62 -35.41
C THR A 100 18.40 23.78 -34.40
N VAL A 101 18.39 23.00 -33.30
CA VAL A 101 19.38 23.18 -32.23
C VAL A 101 19.94 21.82 -31.81
N LYS A 102 19.37 20.74 -32.32
CA LYS A 102 19.51 19.44 -31.69
C LYS A 102 20.98 19.06 -31.55
N GLY A 103 21.77 19.25 -32.59
CA GLY A 103 23.16 18.87 -32.43
C GLY A 103 24.05 19.86 -31.70
N ARG A 104 23.52 20.99 -31.34
CA ARG A 104 24.26 22.20 -31.07
C ARG A 104 24.07 22.71 -29.65
N PHE A 105 22.85 22.60 -29.12
CA PHE A 105 22.52 23.06 -27.78
C PHE A 105 22.39 21.85 -26.87
N THR A 106 22.79 22.00 -25.62
CA THR A 106 22.53 20.97 -24.62
C THR A 106 21.87 21.64 -23.42
N ILE A 107 20.74 21.10 -23.01
CA ILE A 107 19.99 21.60 -21.86
C ILE A 107 20.29 20.72 -20.66
N SER A 108 20.56 21.34 -19.52
CA SER A 108 20.85 20.63 -18.28
C SER A 108 20.29 21.43 -17.12
N ARG A 109 20.20 20.77 -15.97
CA ARG A 109 19.63 21.39 -14.79
C ARG A 109 20.39 20.96 -13.54
N ASP A 110 20.53 21.90 -12.62
CA ASP A 110 21.04 21.66 -11.27
C ASP A 110 19.88 21.91 -10.29
N ASP A 111 19.11 20.85 -10.03
CA ASP A 111 18.00 20.95 -9.09
C ASP A 111 18.41 21.37 -7.68
N PRO A 112 19.51 20.91 -7.09
CA PRO A 112 19.95 21.50 -5.83
C PRO A 112 20.14 23.00 -5.88
N LYS A 113 20.64 23.53 -6.99
CA LYS A 113 20.70 24.98 -7.12
C LYS A 113 19.38 25.60 -7.57
N ASN A 114 18.40 24.78 -7.97
CA ASN A 114 17.19 25.27 -8.64
C ASN A 114 17.53 26.14 -9.86
N THR A 115 18.45 25.67 -10.68
CA THR A 115 18.91 26.45 -11.83
C THR A 115 18.85 25.58 -13.06
N LEU A 116 18.24 26.10 -14.13
CA LEU A 116 18.28 25.49 -15.44
C LEU A 116 19.44 26.06 -16.24
N PHE A 117 19.94 25.27 -17.17
CA PHE A 117 21.00 25.71 -18.07
C PHE A 117 20.66 25.32 -19.51
N LEU A 118 21.11 26.18 -20.43
CA LEU A 118 21.16 25.84 -21.86
C LEU A 118 22.56 26.20 -22.37
N GLN A 119 23.45 25.21 -22.46
CA GLN A 119 24.77 25.41 -23.09
C GLN A 119 24.62 25.41 -24.60
N MET A 120 24.64 26.61 -25.19
CA MET A 120 24.70 26.76 -26.64
C MET A 120 26.11 26.63 -27.19
N THR A 121 26.24 25.97 -28.34
CA THR A 121 27.50 25.87 -29.06
C THR A 121 27.24 26.05 -30.55
N SER A 122 28.29 26.44 -31.28
CA SER A 122 28.26 26.73 -32.72
C SER A 122 27.10 27.67 -33.07
N LEU A 123 26.98 28.74 -32.30
CA LEU A 123 25.90 29.69 -32.47
C LEU A 123 25.93 30.33 -33.86
N ARG A 124 24.72 30.61 -34.37
CA ARG A 124 24.55 31.12 -35.73
C ARG A 124 23.48 32.18 -35.71
N SER A 125 23.43 32.97 -36.79
CA SER A 125 22.53 34.12 -36.86
C SER A 125 21.08 33.74 -36.60
N GLU A 126 20.65 32.57 -37.07
CA GLU A 126 19.28 32.14 -36.80
C GLU A 126 19.00 31.81 -35.33
N ASP A 127 20.02 31.76 -34.47
CA ASP A 127 19.80 31.68 -33.03
C ASP A 127 19.60 33.01 -32.34
N THR A 128 19.69 34.15 -33.04
CA THR A 128 19.40 35.42 -32.38
C THR A 128 17.93 35.48 -32.01
N ALA A 129 17.67 35.57 -30.69
CA ALA A 129 16.31 35.56 -30.15
C ALA A 129 16.33 36.02 -28.70
N MET A 130 15.15 36.40 -28.21
CA MET A 130 14.92 36.34 -26.77
C MET A 130 14.58 34.91 -26.38
N TYR A 131 15.32 34.36 -25.42
CA TYR A 131 15.13 32.99 -24.96
C TYR A 131 14.35 33.00 -23.66
N TYR A 132 13.17 32.36 -23.68
CA TYR A 132 12.30 32.28 -22.51
C TYR A 132 12.43 30.89 -21.89
N CYS A 133 12.72 30.87 -20.59
CA CYS A 133 12.61 29.66 -19.80
C CYS A 133 11.16 29.44 -19.41
N VAL A 134 10.67 28.22 -19.57
CA VAL A 134 9.25 27.92 -19.39
C VAL A 134 9.17 26.65 -18.58
N ARG A 135 8.54 26.71 -17.41
CA ARG A 135 8.34 25.54 -16.59
C ARG A 135 7.17 24.75 -17.12
N SER A 136 7.18 23.45 -16.86
CA SER A 136 6.04 22.61 -17.19
C SER A 136 5.96 21.49 -16.17
N ILE A 137 4.74 21.07 -15.90
CA ILE A 137 4.47 19.95 -14.99
C ILE A 137 3.39 19.10 -15.62
N TYR A 138 3.58 17.78 -15.60
CA TYR A 138 2.74 16.84 -16.36
C TYR A 138 2.16 15.79 -15.44
N TYR A 139 0.85 15.90 -15.21
CA TYR A 139 -0.01 14.93 -14.55
C TYR A 139 -1.44 15.25 -14.97
N TYR A 140 -2.37 14.32 -14.74
CA TYR A 140 -3.73 14.58 -15.17
C TYR A 140 -4.26 15.90 -14.59
N GLY A 141 -4.71 16.79 -15.50
CA GLY A 141 -5.22 18.08 -15.11
C GLY A 141 -4.17 19.16 -14.97
N SER A 142 -2.90 18.81 -15.05
CA SER A 142 -1.85 19.80 -14.93
C SER A 142 -1.96 20.81 -16.07
N SER A 143 -1.49 22.03 -15.79
CA SER A 143 -1.31 23.08 -16.77
C SER A 143 0.18 23.28 -17.05
N PRO A 144 0.78 22.56 -17.99
CA PRO A 144 2.16 22.85 -18.37
C PRO A 144 2.29 24.15 -19.14
N PHE A 145 3.54 24.65 -19.21
CA PHE A 145 3.83 25.96 -19.78
C PHE A 145 3.14 27.10 -19.06
N ASP A 146 2.75 26.88 -17.81
CA ASP A 146 1.92 27.85 -17.09
C ASP A 146 2.69 29.08 -16.67
N PHE A 147 4.00 29.00 -16.52
CA PHE A 147 4.80 30.16 -16.15
C PHE A 147 6.06 30.29 -17.01
N TRP A 148 6.28 31.50 -17.51
CA TRP A 148 7.37 31.87 -18.40
C TRP A 148 8.28 32.89 -17.72
N GLY A 149 9.57 32.72 -17.86
CA GLY A 149 10.53 33.68 -17.30
C GLY A 149 10.53 34.99 -18.07
N GLN A 150 11.32 35.95 -17.56
CA GLN A 150 11.34 37.28 -18.16
C GLN A 150 12.02 37.29 -19.51
N GLY A 151 12.81 36.27 -19.83
CA GLY A 151 13.61 36.10 -21.03
C GLY A 151 14.98 36.77 -20.94
N THR A 152 15.94 36.18 -21.66
CA THR A 152 17.24 36.76 -21.93
C THR A 152 17.45 36.87 -23.44
N THR A 153 17.87 38.05 -23.89
CA THR A 153 18.13 38.30 -25.31
C THR A 153 19.55 37.84 -25.67
N LEU A 154 19.67 37.03 -26.71
CA LEU A 154 20.97 36.65 -27.27
C LEU A 154 21.09 37.17 -28.69
N THR A 155 22.12 37.98 -28.96
CA THR A 155 22.43 38.46 -30.30
C THR A 155 23.65 37.73 -30.84
N VAL A 156 23.49 37.12 -32.00
CA VAL A 156 24.60 36.54 -32.75
C VAL A 156 24.89 37.47 -33.92
N SER A 157 26.08 38.09 -33.90
CA SER A 157 26.36 39.27 -34.72
C SER A 157 26.44 38.90 -36.18
N ASP A 175 7.18 17.77 -38.85
CA ASP A 175 6.57 18.47 -37.72
C ASP A 175 5.12 18.82 -37.98
N ILE A 176 4.33 18.96 -36.92
CA ILE A 176 3.02 19.56 -37.05
C ILE A 176 3.23 21.06 -37.28
N VAL A 177 2.54 21.62 -38.25
CA VAL A 177 2.54 23.06 -38.48
C VAL A 177 1.28 23.67 -37.89
N MET A 178 1.47 24.68 -37.04
CA MET A 178 0.37 25.51 -36.53
C MET A 178 0.21 26.70 -37.47
N THR A 179 -0.97 26.85 -38.05
CA THR A 179 -1.25 27.96 -38.96
C THR A 179 -2.19 28.92 -38.25
N GLN A 180 -1.78 30.18 -38.13
CA GLN A 180 -2.64 31.27 -37.66
C GLN A 180 -2.75 32.31 -38.76
N ALA A 181 -3.67 32.09 -39.71
CA ALA A 181 -3.67 32.88 -40.94
C ALA A 181 -3.81 34.37 -40.71
N THR A 182 -4.46 34.77 -39.59
CA THR A 182 -4.49 36.17 -39.17
C THR A 182 -3.16 36.56 -38.54
N SER A 183 -2.33 37.25 -39.32
CA SER A 183 -1.16 37.89 -38.72
C SER A 183 -1.56 38.99 -37.75
N SER A 184 -2.65 39.71 -38.02
CA SER A 184 -3.17 40.65 -37.05
C SER A 184 -4.68 40.77 -37.20
N VAL A 185 -5.34 41.20 -36.12
CA VAL A 185 -6.73 41.63 -36.18
C VAL A 185 -6.90 42.98 -35.48
N PRO A 186 -7.54 43.96 -36.11
CA PRO A 186 -7.88 45.19 -35.42
C PRO A 186 -9.15 45.01 -34.58
N VAL A 187 -9.10 45.49 -33.33
CA VAL A 187 -10.11 45.18 -32.33
C VAL A 187 -10.38 46.42 -31.47
N THR A 188 -11.53 46.40 -30.79
CA THR A 188 -12.01 47.47 -29.92
C THR A 188 -12.33 46.92 -28.55
N PRO A 189 -12.21 47.73 -27.50
CA PRO A 189 -12.65 47.31 -26.17
C PRO A 189 -14.10 46.84 -26.15
N GLY A 190 -14.35 45.75 -25.40
CA GLY A 190 -15.66 45.14 -25.30
C GLY A 190 -16.08 44.27 -26.46
N GLU A 191 -15.30 44.23 -27.53
CA GLU A 191 -15.62 43.41 -28.69
C GLU A 191 -15.31 41.94 -28.41
N SER A 192 -16.13 41.08 -28.99
CA SER A 192 -16.10 39.64 -28.69
C SER A 192 -15.26 38.88 -29.73
N VAL A 193 -13.96 39.18 -29.73
CA VAL A 193 -13.07 38.72 -30.81
C VAL A 193 -12.72 37.25 -30.62
N SER A 194 -12.43 36.58 -31.74
CA SER A 194 -11.99 35.20 -31.76
C SER A 194 -10.75 35.01 -32.63
N ILE A 195 -9.82 34.19 -32.15
CA ILE A 195 -8.55 33.86 -32.82
C ILE A 195 -8.58 32.42 -33.32
N SER A 196 -8.43 32.26 -34.64
CA SER A 196 -8.38 30.94 -35.26
C SER A 196 -6.95 30.38 -35.23
N CYS A 197 -6.88 29.04 -35.10
CA CYS A 197 -5.66 28.27 -35.30
C CYS A 197 -5.98 26.96 -36.02
N ARG A 198 -5.07 26.51 -36.89
CA ARG A 198 -5.27 25.28 -37.64
C ARG A 198 -4.03 24.38 -37.55
N SER A 199 -4.28 23.08 -37.56
CA SER A 199 -3.23 22.08 -37.42
C SER A 199 -3.18 21.13 -38.61
N SER A 200 -1.95 20.76 -38.99
CA SER A 200 -1.75 19.75 -40.03
C SER A 200 -1.97 18.33 -39.55
N LYS A 201 -2.06 18.10 -38.25
CA LYS A 201 -2.40 16.81 -37.69
C LYS A 201 -3.41 17.05 -36.59
N SER A 202 -4.40 16.17 -36.51
CA SER A 202 -5.40 16.29 -35.47
C SER A 202 -4.75 16.15 -34.10
N LEU A 203 -4.85 17.21 -33.30
CA LEU A 203 -4.30 17.21 -31.95
C LEU A 203 -5.15 16.46 -30.94
N LEU A 204 -6.31 15.96 -31.35
CA LEU A 204 -7.09 15.05 -30.51
C LEU A 204 -6.40 13.69 -30.50
N HIS A 205 -5.84 13.33 -29.33
CA HIS A 205 -5.21 12.04 -29.12
C HIS A 205 -6.25 11.04 -28.67
N SER A 206 -5.92 9.75 -28.84
CA SER A 206 -6.84 8.68 -28.48
C SER A 206 -7.20 8.67 -26.99
N ASN A 207 -6.38 9.29 -26.13
CA ASN A 207 -6.72 9.46 -24.74
C ASN A 207 -7.80 10.52 -24.52
N GLY A 208 -8.23 11.21 -25.59
CA GLY A 208 -9.28 12.18 -25.53
C GLY A 208 -8.82 13.61 -25.35
N ASN A 209 -7.56 13.81 -24.96
CA ASN A 209 -7.06 15.17 -24.85
C ASN A 209 -6.90 15.80 -26.24
N THR A 210 -7.12 17.13 -26.30
CA THR A 210 -6.84 17.89 -27.51
C THR A 210 -5.81 18.94 -27.17
N TYR A 211 -4.56 18.66 -27.55
CA TYR A 211 -3.36 19.35 -27.05
C TYR A 211 -3.06 20.68 -27.74
N LEU A 212 -4.05 21.54 -27.93
CA LEU A 212 -3.79 22.91 -28.35
C LEU A 212 -3.78 23.86 -27.16
N TYR A 213 -2.62 24.42 -26.90
CA TYR A 213 -2.38 25.48 -25.92
C TYR A 213 -2.56 26.83 -26.59
N TRP A 214 -2.96 27.86 -25.82
CA TRP A 214 -2.99 29.26 -26.25
C TRP A 214 -2.21 30.12 -25.26
N PHE A 215 -1.35 30.96 -25.83
CA PHE A 215 -0.53 31.89 -25.06
C PHE A 215 -0.81 33.31 -25.52
N LEU A 216 -0.78 34.28 -24.59
CA LEU A 216 -0.81 35.69 -24.91
C LEU A 216 0.51 36.30 -24.50
N GLN A 217 1.19 36.95 -25.43
CA GLN A 217 2.35 37.79 -25.12
C GLN A 217 1.93 39.25 -25.24
N ARG A 218 1.85 39.93 -24.11
CA ARG A 218 1.57 41.34 -24.12
C ARG A 218 2.80 42.15 -24.56
N PRO A 219 2.61 43.36 -25.08
CA PRO A 219 3.69 44.00 -25.85
C PRO A 219 5.00 44.16 -25.11
N GLY A 220 4.98 44.31 -23.80
CA GLY A 220 6.23 44.38 -23.05
C GLY A 220 6.48 43.23 -22.09
N GLN A 221 5.91 42.07 -22.36
CA GLN A 221 5.96 41.00 -21.39
C GLN A 221 6.30 39.67 -22.08
N SER A 222 6.60 38.70 -21.23
CA SER A 222 6.68 37.31 -21.64
C SER A 222 5.30 36.79 -22.07
N PRO A 223 5.28 35.66 -22.76
CA PRO A 223 4.02 34.94 -22.95
C PRO A 223 3.39 34.49 -21.64
N GLN A 224 2.07 34.36 -21.67
CA GLN A 224 1.32 33.83 -20.54
C GLN A 224 0.32 32.81 -21.05
N LEU A 225 0.23 31.66 -20.37
CA LEU A 225 -0.75 30.64 -20.72
C LEU A 225 -2.17 31.12 -20.45
N LEU A 226 -3.02 30.96 -21.46
CA LEU A 226 -4.45 31.20 -21.33
C LEU A 226 -5.22 29.89 -21.31
N ILE A 227 -4.99 29.04 -22.30
CA ILE A 227 -5.72 27.79 -22.40
C ILE A 227 -4.73 26.65 -22.53
N TYR A 228 -4.93 25.56 -21.76
CA TYR A 228 -3.96 24.48 -21.86
C TYR A 228 -4.49 23.34 -22.73
N ARG A 229 -5.47 22.58 -22.26
CA ARG A 229 -6.24 21.92 -23.29
C ARG A 229 -7.32 22.87 -23.80
N MET A 230 -7.75 22.61 -25.05
CA MET A 230 -8.49 23.61 -25.80
C MET A 230 -9.68 24.15 -25.05
N SER A 231 -10.22 23.41 -24.09
CA SER A 231 -11.30 23.92 -23.26
C SER A 231 -10.84 24.66 -22.02
N ASN A 232 -9.77 24.17 -21.43
CA ASN A 232 -9.49 24.38 -20.01
C ASN A 232 -8.75 25.68 -19.74
N LEU A 233 -9.41 26.61 -19.06
CA LEU A 233 -8.76 27.86 -18.70
C LEU A 233 -7.74 27.63 -17.60
N ALA A 234 -6.64 28.39 -17.68
CA ALA A 234 -5.61 28.41 -16.63
C ALA A 234 -6.14 28.99 -15.33
N SER A 235 -5.48 28.59 -14.26
CA SER A 235 -5.96 28.80 -12.89
C SER A 235 -6.04 30.27 -12.52
N GLY A 236 -5.36 31.14 -13.26
CA GLY A 236 -5.28 32.56 -12.93
C GLY A 236 -6.02 33.49 -13.86
N VAL A 237 -6.59 32.98 -14.95
CA VAL A 237 -6.95 33.84 -16.06
C VAL A 237 -8.44 34.15 -16.09
N PRO A 238 -8.79 35.33 -16.59
CA PRO A 238 -10.20 35.69 -16.73
C PRO A 238 -10.96 34.71 -17.61
N ASP A 239 -12.17 34.37 -17.18
CA ASP A 239 -13.14 33.59 -17.96
C ASP A 239 -13.72 34.38 -19.13
N ARG A 240 -13.26 35.59 -19.33
CA ARG A 240 -13.50 36.30 -20.58
C ARG A 240 -12.88 35.55 -21.76
N PHE A 241 -11.78 34.86 -21.54
CA PHE A 241 -11.21 33.93 -22.51
C PHE A 241 -11.96 32.60 -22.52
N SER A 242 -12.04 31.99 -23.70
CA SER A 242 -12.48 30.61 -23.83
C SER A 242 -11.87 30.01 -25.08
N GLY A 243 -11.81 28.67 -25.10
CA GLY A 243 -11.35 27.96 -26.27
C GLY A 243 -12.29 26.86 -26.68
N SER A 244 -12.19 26.51 -27.96
CA SER A 244 -12.97 25.44 -28.56
C SER A 244 -12.24 24.99 -29.81
N GLY A 245 -12.57 23.78 -30.27
CA GLY A 245 -11.96 23.29 -31.50
C GLY A 245 -12.38 21.88 -31.83
N SER A 246 -11.93 21.44 -33.01
CA SER A 246 -12.29 20.17 -33.61
C SER A 246 -11.15 19.17 -33.60
N GLY A 247 -10.01 19.53 -33.02
CA GLY A 247 -8.80 18.75 -33.14
C GLY A 247 -7.95 19.13 -34.33
N THR A 248 -8.58 19.49 -35.45
CA THR A 248 -7.85 19.99 -36.61
C THR A 248 -7.91 21.50 -36.72
N ALA A 249 -8.98 22.13 -36.25
CA ALA A 249 -9.13 23.56 -36.31
C ALA A 249 -9.70 24.08 -35.00
N PHE A 250 -9.29 25.30 -34.64
CA PHE A 250 -9.43 25.75 -33.27
C PHE A 250 -9.74 27.24 -33.28
N THR A 251 -10.43 27.70 -32.25
CA THR A 251 -10.60 29.12 -31.98
C THR A 251 -10.37 29.39 -30.50
N LEU A 252 -9.60 30.44 -30.20
CA LEU A 252 -9.72 31.19 -28.96
C LEU A 252 -10.85 32.21 -29.12
N THR A 253 -11.57 32.47 -28.02
CA THR A 253 -12.56 33.55 -28.00
C THR A 253 -12.38 34.46 -26.79
N ILE A 254 -12.58 35.76 -26.97
CA ILE A 254 -12.36 36.77 -25.93
C ILE A 254 -13.66 37.59 -25.82
N SER A 255 -14.60 37.12 -25.01
CA SER A 255 -16.00 37.53 -25.11
C SER A 255 -16.19 39.03 -24.83
N ARG A 256 -15.32 39.63 -24.02
CA ARG A 256 -15.25 41.08 -23.91
C ARG A 256 -13.78 41.47 -23.77
N LEU A 257 -13.24 42.06 -24.84
CA LEU A 257 -11.89 42.55 -24.83
C LEU A 257 -11.70 43.68 -23.83
N GLU A 258 -10.43 43.82 -23.39
CA GLU A 258 -9.99 45.01 -22.69
C GLU A 258 -8.49 45.16 -22.93
N ALA A 259 -7.96 46.33 -22.58
CA ALA A 259 -6.60 46.68 -22.95
C ALA A 259 -5.57 45.63 -22.50
N GLU A 260 -5.83 44.93 -21.39
CA GLU A 260 -4.92 43.87 -20.96
C GLU A 260 -4.89 42.68 -21.91
N ASP A 261 -5.82 42.60 -22.86
CA ASP A 261 -5.83 41.53 -23.87
C ASP A 261 -5.01 41.86 -25.11
N VAL A 262 -4.54 43.10 -25.24
CA VAL A 262 -3.72 43.48 -26.39
C VAL A 262 -2.40 42.71 -26.35
N GLY A 263 -2.03 42.14 -27.50
CA GLY A 263 -0.81 41.37 -27.62
C GLY A 263 -0.88 40.41 -28.79
N VAL A 264 0.10 39.51 -28.84
CA VAL A 264 0.18 38.45 -29.85
C VAL A 264 -0.28 37.14 -29.22
N TYR A 265 -1.25 36.48 -29.87
CA TYR A 265 -1.82 35.22 -29.39
C TYR A 265 -1.21 34.07 -30.17
N TYR A 266 -0.49 33.18 -29.47
CA TYR A 266 0.16 32.02 -30.07
C TYR A 266 -0.59 30.76 -29.66
N CYS A 267 -1.03 29.99 -30.66
CA CYS A 267 -1.41 28.62 -30.40
C CYS A 267 -0.18 27.71 -30.41
N MET A 268 -0.27 26.59 -29.68
CA MET A 268 0.82 25.62 -29.68
C MET A 268 0.26 24.22 -29.49
N GLN A 269 0.88 23.25 -30.18
CA GLN A 269 0.51 21.85 -30.08
C GLN A 269 1.46 21.16 -29.11
N HIS A 270 0.89 20.33 -28.23
CA HIS A 270 1.70 19.47 -27.37
C HIS A 270 1.40 18.00 -27.63
N LEU A 271 0.93 17.68 -28.84
CA LEU A 271 0.71 16.28 -29.18
C LEU A 271 2.02 15.54 -29.26
N GLU A 272 3.01 16.12 -29.92
CA GLU A 272 4.30 15.47 -30.06
C GLU A 272 5.38 16.52 -30.27
N TYR A 273 6.59 16.16 -29.85
CA TYR A 273 7.75 16.99 -30.12
C TYR A 273 8.13 16.90 -31.59
N PRO A 274 8.47 18.03 -32.22
CA PRO A 274 9.04 19.24 -31.61
C PRO A 274 8.11 20.41 -31.31
N LEU A 275 6.90 20.15 -30.81
CA LEU A 275 6.20 21.06 -29.90
C LEU A 275 6.11 22.47 -30.49
N THR A 276 5.68 22.55 -31.75
CA THR A 276 5.74 23.78 -32.53
C THR A 276 4.64 24.77 -32.15
N PHE A 277 4.99 26.05 -32.12
CA PHE A 277 4.06 27.17 -31.96
C PHE A 277 3.57 27.65 -33.32
N GLY A 278 2.41 28.37 -33.28
CA GLY A 278 1.96 29.13 -34.44
C GLY A 278 2.67 30.46 -34.59
N ALA A 279 2.43 31.06 -35.76
CA ALA A 279 3.02 32.34 -36.08
C ALA A 279 2.50 33.46 -35.17
N GLY A 280 1.36 33.27 -34.51
CA GLY A 280 0.79 34.29 -33.65
C GLY A 280 -0.13 35.28 -34.33
N THR A 281 -1.25 35.61 -33.69
CA THR A 281 -2.13 36.69 -34.10
C THR A 281 -1.98 37.89 -33.17
N LYS A 282 -1.54 39.02 -33.73
CA LYS A 282 -1.54 40.28 -33.00
C LYS A 282 -2.97 40.81 -32.90
N LEU A 283 -3.33 41.30 -31.72
CA LEU A 283 -4.52 42.14 -31.57
C LEU A 283 -4.11 43.60 -31.41
N GLU A 284 -4.64 44.46 -32.26
CA GLU A 284 -4.34 45.89 -32.20
C GLU A 284 -5.60 46.65 -31.79
N LEU A 285 -5.50 47.37 -30.66
CA LEU A 285 -6.67 47.96 -30.05
C LEU A 285 -7.21 49.09 -30.91
N LEU B 167 22.99 -55.29 -5.87
CA LEU B 167 21.63 -54.77 -5.67
C LEU B 167 21.30 -53.76 -6.76
N GLU B 168 20.05 -53.78 -7.23
CA GLU B 168 19.63 -52.81 -8.25
C GLU B 168 18.16 -52.50 -8.03
N VAL B 169 17.86 -51.25 -7.68
CA VAL B 169 16.50 -50.72 -7.71
C VAL B 169 16.21 -50.22 -9.13
N SER B 170 15.58 -51.08 -9.94
CA SER B 170 15.30 -50.85 -11.37
C SER B 170 14.18 -49.82 -11.55
N ILE B 171 14.55 -48.56 -11.34
CA ILE B 171 13.61 -47.46 -11.58
C ILE B 171 13.22 -47.43 -13.05
N SER B 172 11.93 -47.62 -13.30
CA SER B 172 11.41 -47.59 -14.66
C SER B 172 11.29 -46.15 -15.16
N ASP B 173 11.32 -46.03 -16.50
CA ASP B 173 10.98 -44.77 -17.16
C ASP B 173 9.58 -44.27 -16.79
N GLY B 174 8.63 -45.19 -16.55
CA GLY B 174 7.32 -44.78 -16.10
C GLY B 174 7.36 -44.08 -14.75
N LEU B 175 8.30 -44.48 -13.91
CA LEU B 175 8.46 -43.83 -12.61
C LEU B 175 9.10 -42.47 -12.74
N PHE B 176 10.09 -42.32 -13.63
CA PHE B 176 10.62 -40.99 -13.93
C PHE B 176 9.53 -40.06 -14.46
N LEU B 177 8.70 -40.53 -15.36
CA LEU B 177 7.56 -39.74 -15.83
C LEU B 177 6.61 -39.37 -14.69
N SER B 178 6.21 -40.35 -13.89
CA SER B 178 5.27 -40.09 -12.79
C SER B 178 5.83 -39.04 -11.84
N LEU B 179 7.01 -39.30 -11.29
CA LEU B 179 7.59 -38.38 -10.31
C LEU B 179 7.87 -37.01 -10.91
N GLY B 180 8.38 -36.94 -12.13
CA GLY B 180 8.66 -35.64 -12.73
C GLY B 180 7.42 -34.84 -13.05
N LEU B 181 6.35 -35.52 -13.49
CA LEU B 181 5.10 -34.83 -13.76
C LEU B 181 4.49 -34.30 -12.48
N VAL B 182 4.26 -35.19 -11.50
CA VAL B 182 3.83 -34.78 -10.17
C VAL B 182 4.63 -33.59 -9.63
N SER B 183 5.94 -33.66 -9.75
CA SER B 183 6.83 -32.62 -9.27
C SER B 183 6.67 -31.30 -10.02
N LEU B 184 6.68 -31.32 -11.35
CA LEU B 184 6.52 -30.06 -12.09
C LEU B 184 5.13 -29.49 -11.87
N VAL B 185 4.09 -30.33 -11.75
CA VAL B 185 2.77 -29.87 -11.30
C VAL B 185 2.85 -29.13 -9.98
N GLU B 186 3.38 -29.77 -8.96
CA GLU B 186 3.47 -29.17 -7.62
C GLU B 186 4.28 -27.87 -7.58
N ASN B 187 5.46 -27.87 -8.24
CA ASN B 187 6.28 -26.68 -8.26
C ASN B 187 5.64 -25.56 -9.09
N ALA B 188 4.94 -25.90 -10.16
CA ALA B 188 4.18 -24.90 -10.89
C ALA B 188 3.06 -24.29 -10.05
N LEU B 189 2.39 -25.11 -9.26
CA LEU B 189 1.46 -24.60 -8.25
C LEU B 189 2.15 -23.63 -7.29
N VAL B 190 3.32 -24.02 -6.78
CA VAL B 190 4.12 -23.15 -5.90
C VAL B 190 4.44 -21.80 -6.56
N VAL B 191 4.88 -21.84 -7.82
CA VAL B 191 5.18 -20.62 -8.57
C VAL B 191 3.92 -19.78 -8.83
N ALA B 192 2.81 -20.43 -9.19
CA ALA B 192 1.55 -19.69 -9.35
C ALA B 192 1.06 -19.08 -8.05
N THR B 193 1.27 -19.79 -6.94
CA THR B 193 0.80 -19.33 -5.66
C THR B 193 1.64 -18.16 -5.14
N ILE B 194 2.94 -18.15 -5.41
CA ILE B 194 3.76 -16.99 -5.10
C ILE B 194 3.48 -15.84 -6.05
N ALA B 195 3.24 -16.14 -7.33
CA ALA B 195 2.94 -15.07 -8.30
C ALA B 195 1.63 -14.38 -7.96
N LYS B 196 0.64 -15.15 -7.54
CA LYS B 196 -0.67 -14.57 -7.23
C LYS B 196 -0.72 -13.83 -5.90
N ASN B 197 0.11 -14.19 -4.92
CA ASN B 197 0.02 -13.60 -3.59
C ASN B 197 1.22 -12.67 -3.44
N ARG B 198 0.94 -11.37 -3.43
CA ARG B 198 1.95 -10.32 -3.33
C ARG B 198 2.49 -10.09 -1.91
N ASN B 199 1.97 -10.77 -0.91
CA ASN B 199 2.68 -10.85 0.36
C ASN B 199 3.89 -11.77 0.27
N LEU B 200 3.90 -12.62 -0.73
CA LEU B 200 4.99 -13.56 -0.99
C LEU B 200 5.98 -12.99 -2.00
N HIS B 201 5.81 -11.74 -2.42
CA HIS B 201 6.83 -11.01 -3.16
C HIS B 201 7.84 -10.46 -2.17
N SER B 202 8.62 -11.36 -1.60
CA SER B 202 9.60 -11.05 -0.57
C SER B 202 10.79 -11.96 -0.79
N PRO B 203 12.00 -11.50 -0.46
CA PRO B 203 13.21 -12.29 -0.78
C PRO B 203 13.19 -13.74 -0.33
N MET B 204 12.60 -14.02 0.84
CA MET B 204 12.45 -15.40 1.26
C MET B 204 11.71 -16.20 0.22
N TYR B 205 10.50 -15.74 -0.14
CA TYR B 205 9.69 -16.46 -1.11
C TYR B 205 10.18 -16.25 -2.52
N CYS B 206 10.96 -15.20 -2.79
CA CYS B 206 11.71 -15.15 -4.05
C CYS B 206 12.66 -16.34 -4.19
N PHE B 207 13.47 -16.62 -3.17
CA PHE B 207 14.34 -17.79 -3.21
C PHE B 207 13.55 -19.09 -3.21
N ILE B 208 12.43 -19.15 -2.51
CA ILE B 208 11.57 -20.34 -2.59
C ILE B 208 10.98 -20.50 -3.98
N CYS B 209 10.56 -19.41 -4.62
CA CYS B 209 10.09 -19.49 -6.00
C CYS B 209 11.18 -19.93 -6.97
N CYS B 210 12.39 -19.42 -6.80
CA CYS B 210 13.51 -19.83 -7.64
C CYS B 210 13.93 -21.29 -7.38
N LEU B 211 13.85 -21.74 -6.13
CA LEU B 211 14.03 -23.17 -5.85
C LEU B 211 12.96 -23.99 -6.54
N ALA B 212 11.71 -23.57 -6.42
CA ALA B 212 10.63 -24.30 -7.07
C ALA B 212 10.79 -24.31 -8.59
N LEU B 213 11.29 -23.22 -9.17
CA LEU B 213 11.63 -23.20 -10.58
C LEU B 213 12.75 -24.16 -10.93
N SER B 214 13.82 -24.19 -10.14
CA SER B 214 14.89 -25.14 -10.40
C SER B 214 14.44 -26.59 -10.27
N ASP B 215 13.53 -26.88 -9.34
CA ASP B 215 13.00 -28.22 -9.18
C ASP B 215 12.01 -28.57 -10.29
N LEU B 216 11.25 -27.57 -10.76
CA LEU B 216 10.43 -27.74 -11.95
C LEU B 216 11.30 -28.06 -13.16
N LEU B 217 12.31 -27.24 -13.40
CA LEU B 217 13.17 -27.46 -14.57
C LEU B 217 13.89 -28.81 -14.49
N VAL B 218 14.38 -29.20 -13.31
CA VAL B 218 15.01 -30.52 -13.19
C VAL B 218 14.00 -31.65 -13.43
N SER B 219 12.82 -31.57 -12.81
CA SER B 219 11.82 -32.60 -13.04
C SER B 219 11.36 -32.64 -14.50
N GLY B 220 11.17 -31.48 -15.11
CA GLY B 220 10.81 -31.39 -16.52
C GLY B 220 11.89 -31.86 -17.46
N SER B 221 13.14 -31.59 -17.13
CA SER B 221 14.24 -32.10 -17.94
C SER B 221 14.34 -33.63 -17.86
N ASN B 222 14.20 -34.19 -16.65
CA ASN B 222 14.08 -35.64 -16.52
C ASN B 222 12.86 -36.20 -17.27
N VAL B 223 11.72 -35.52 -17.17
CA VAL B 223 10.52 -35.88 -17.94
C VAL B 223 10.78 -35.86 -19.44
N LEU B 224 11.35 -34.77 -19.94
CA LEU B 224 11.64 -34.65 -21.37
C LEU B 224 12.64 -35.71 -21.82
N GLU B 225 13.70 -35.93 -21.05
CA GLU B 225 14.66 -36.99 -21.36
C GLU B 225 14.04 -38.38 -21.34
N THR B 226 13.12 -38.62 -20.38
CA THR B 226 12.41 -39.88 -20.30
C THR B 226 11.48 -40.05 -21.49
N ALA B 227 10.80 -39.00 -21.89
CA ALA B 227 9.96 -39.04 -23.08
C ALA B 227 10.77 -39.31 -24.34
N VAL B 228 11.88 -38.59 -24.51
CA VAL B 228 12.75 -38.84 -25.67
C VAL B 228 13.23 -40.28 -25.69
N ILE B 229 13.71 -40.79 -24.55
CA ILE B 229 14.20 -42.17 -24.52
C ILE B 229 13.08 -43.18 -24.69
N LEU B 230 11.87 -42.91 -24.19
CA LEU B 230 10.75 -43.79 -24.46
C LEU B 230 10.39 -43.80 -25.94
N LEU B 231 10.38 -42.61 -26.56
CA LEU B 231 10.10 -42.52 -28.00
C LEU B 231 11.15 -43.24 -28.82
N LEU B 232 12.40 -43.17 -28.40
CA LEU B 232 13.45 -43.92 -29.09
C LEU B 232 13.34 -45.42 -28.85
N GLU B 233 13.06 -45.83 -27.61
CA GLU B 233 12.85 -47.24 -27.32
C GLU B 233 11.63 -47.80 -28.08
N ALA B 234 10.57 -47.00 -28.22
CA ALA B 234 9.45 -47.40 -29.05
C ALA B 234 9.77 -47.29 -30.53
N GLY B 235 10.78 -46.52 -30.91
CA GLY B 235 11.02 -46.17 -32.29
C GLY B 235 10.02 -45.19 -32.88
N ALA B 236 9.15 -44.59 -32.06
CA ALA B 236 8.23 -43.58 -32.56
C ALA B 236 9.00 -42.35 -33.04
N LEU B 237 10.20 -42.13 -32.48
CA LEU B 237 11.21 -41.25 -33.06
C LEU B 237 12.34 -42.09 -33.61
N VAL B 238 12.67 -41.86 -34.87
CA VAL B 238 13.96 -42.25 -35.47
C VAL B 238 14.77 -41.01 -35.78
N ALA B 239 16.05 -41.03 -35.37
CA ALA B 239 16.87 -39.82 -35.45
C ALA B 239 18.33 -40.23 -35.61
N ARG B 240 19.11 -39.40 -36.31
CA ARG B 240 20.53 -39.65 -36.41
C ARG B 240 21.20 -39.53 -35.02
N ALA B 241 22.44 -40.06 -34.93
CA ALA B 241 23.27 -40.04 -33.74
C ALA B 241 23.64 -38.63 -33.31
N ALA B 242 24.03 -37.76 -34.24
CA ALA B 242 24.48 -36.44 -33.89
C ALA B 242 23.38 -35.57 -33.30
N VAL B 243 22.19 -35.54 -33.96
CA VAL B 243 21.07 -34.76 -33.45
C VAL B 243 20.60 -35.25 -32.05
N LEU B 244 20.67 -36.55 -31.81
CA LEU B 244 20.38 -37.06 -30.46
C LEU B 244 21.48 -36.77 -29.45
N GLN B 245 22.74 -36.82 -29.88
CA GLN B 245 23.81 -36.44 -28.97
C GLN B 245 23.64 -34.99 -28.53
N GLN B 246 23.36 -34.07 -29.47
CA GLN B 246 23.14 -32.68 -29.08
C GLN B 246 21.86 -32.49 -28.28
N LEU B 247 20.81 -33.26 -28.58
CA LEU B 247 19.61 -33.24 -27.75
C LEU B 247 19.92 -33.66 -26.32
N ASP B 248 20.69 -34.73 -26.18
CA ASP B 248 21.15 -35.19 -24.88
C ASP B 248 21.95 -34.12 -24.16
N ASN B 249 22.90 -33.50 -24.86
CA ASN B 249 23.66 -32.37 -24.30
C ASN B 249 22.76 -31.26 -23.79
N VAL B 250 21.77 -30.87 -24.57
CA VAL B 250 20.88 -29.77 -24.17
C VAL B 250 20.06 -30.15 -22.94
N ILE B 251 19.40 -31.30 -22.97
CA ILE B 251 18.59 -31.72 -21.83
C ILE B 251 19.44 -31.95 -20.58
N ASP B 252 20.67 -32.44 -20.74
CA ASP B 252 21.62 -32.57 -19.63
C ASP B 252 22.08 -31.22 -19.09
N VAL B 253 22.26 -30.23 -19.97
CA VAL B 253 22.58 -28.89 -19.48
C VAL B 253 21.41 -28.29 -18.70
N ILE B 254 20.19 -28.49 -19.17
CA ILE B 254 19.04 -27.99 -18.41
C ILE B 254 18.93 -28.71 -17.05
N THR B 255 19.12 -30.03 -17.06
CA THR B 255 19.11 -30.84 -15.83
C THR B 255 20.21 -30.39 -14.86
N CYS B 256 21.44 -30.32 -15.33
CA CYS B 256 22.58 -30.00 -14.49
C CYS B 256 22.53 -28.58 -13.98
N SER B 257 22.17 -27.63 -14.84
CA SER B 257 21.96 -26.26 -14.40
C SER B 257 20.86 -26.17 -13.37
N SER B 258 19.72 -26.84 -13.60
CA SER B 258 18.64 -26.79 -12.61
C SER B 258 18.98 -27.51 -11.30
N MET B 259 19.81 -28.55 -11.34
CA MET B 259 20.42 -29.11 -10.13
C MET B 259 21.30 -28.10 -9.41
N LEU B 260 22.32 -27.60 -10.08
CA LEU B 260 23.23 -26.66 -9.43
C LEU B 260 22.46 -25.45 -8.88
N SER B 261 21.46 -24.98 -9.63
CA SER B 261 20.61 -23.88 -9.18
C SER B 261 19.74 -24.26 -8.00
N SER B 262 19.08 -25.42 -8.03
CA SER B 262 18.29 -25.88 -6.89
C SER B 262 19.12 -26.01 -5.63
N LEU B 263 20.30 -26.64 -5.77
CA LEU B 263 21.24 -26.78 -4.65
C LEU B 263 21.75 -25.43 -4.15
N CYS B 264 22.03 -24.51 -5.07
CA CYS B 264 22.34 -23.13 -4.69
C CYS B 264 21.18 -22.44 -4.01
N PHE B 265 19.94 -22.64 -4.48
CA PHE B 265 18.82 -21.97 -3.85
C PHE B 265 18.50 -22.55 -2.49
N LEU B 266 18.78 -23.85 -2.29
CA LEU B 266 18.78 -24.41 -0.94
C LEU B 266 19.79 -23.69 -0.03
N GLY B 267 20.97 -23.40 -0.56
CA GLY B 267 21.94 -22.60 0.18
C GLY B 267 21.47 -21.17 0.39
N ALA B 268 20.92 -20.57 -0.65
CA ALA B 268 20.42 -19.19 -0.56
C ALA B 268 19.28 -19.04 0.45
N ILE B 269 18.34 -19.99 0.47
CA ILE B 269 17.33 -20.04 1.53
C ILE B 269 17.98 -20.19 2.89
N ALA B 270 18.98 -21.05 3.01
CA ALA B 270 19.67 -21.17 4.29
C ALA B 270 20.34 -19.87 4.72
N VAL B 271 20.97 -19.17 3.78
CA VAL B 271 21.65 -17.91 4.07
C VAL B 271 20.66 -16.79 4.40
N ASP B 272 19.57 -16.68 3.63
CA ASP B 272 18.49 -15.75 3.94
C ASP B 272 17.92 -15.97 5.34
N ARG B 273 17.59 -17.23 5.67
CA ARG B 273 17.12 -17.58 7.01
C ARG B 273 18.15 -17.20 8.09
N TYR B 274 19.42 -17.50 7.83
CA TYR B 274 20.48 -17.17 8.78
C TYR B 274 20.59 -15.65 9.02
N ILE B 275 20.57 -14.86 7.96
CA ILE B 275 20.58 -13.40 8.10
C ILE B 275 19.33 -12.90 8.83
N SER B 276 18.18 -13.52 8.52
CA SER B 276 16.92 -13.16 9.18
C SER B 276 16.96 -13.45 10.69
N ILE B 277 17.80 -14.39 11.12
CA ILE B 277 17.96 -14.59 12.56
C ILE B 277 19.07 -13.71 13.16
N PHE B 278 20.29 -13.92 12.71
CA PHE B 278 21.44 -13.34 13.40
C PHE B 278 21.66 -11.87 13.04
N TYR B 279 21.06 -11.38 11.98
CA TYR B 279 21.05 -9.97 11.63
C TYR B 279 19.59 -9.52 11.52
N ALA B 280 18.75 -10.07 12.39
CA ALA B 280 17.30 -9.90 12.34
C ALA B 280 16.88 -8.44 12.21
N LEU B 281 17.51 -7.55 12.97
CA LEU B 281 17.11 -6.14 12.91
C LEU B 281 17.53 -5.48 11.60
N ARG B 282 18.65 -5.89 11.04
CA ARG B 282 19.13 -5.34 9.80
C ARG B 282 18.71 -6.16 8.58
N TYR B 283 17.84 -7.16 8.77
CA TYR B 283 17.55 -8.16 7.75
C TYR B 283 17.03 -7.52 6.45
N HIS B 284 16.03 -6.63 6.55
CA HIS B 284 15.51 -5.96 5.36
C HIS B 284 16.43 -4.86 4.81
N SER B 285 17.55 -4.56 5.46
CA SER B 285 18.61 -3.80 4.83
C SER B 285 19.60 -4.70 4.09
N ILE B 286 19.90 -5.86 4.67
CA ILE B 286 20.91 -6.75 4.12
C ILE B 286 20.35 -7.58 2.97
N VAL B 287 19.13 -8.10 3.11
CA VAL B 287 18.47 -8.83 2.03
C VAL B 287 17.26 -8.03 1.53
N THR B 288 17.25 -7.77 0.21
CA THR B 288 16.28 -6.92 -0.46
C THR B 288 15.93 -7.58 -1.80
N LEU B 289 14.77 -7.24 -2.34
CA LEU B 289 14.38 -7.76 -3.64
C LEU B 289 15.38 -7.37 -4.72
N PRO B 290 15.96 -6.17 -4.75
CA PRO B 290 17.10 -5.95 -5.63
C PRO B 290 18.22 -6.99 -5.49
N ARG B 291 18.71 -7.14 -4.25
CA ARG B 291 19.78 -8.09 -3.98
C ARG B 291 19.33 -9.53 -4.18
N ALA B 292 18.07 -9.82 -3.83
CA ALA B 292 17.55 -11.16 -4.10
C ALA B 292 17.53 -11.47 -5.59
N ARG B 293 17.04 -10.54 -6.40
CA ARG B 293 17.02 -10.75 -7.84
C ARG B 293 18.42 -10.80 -8.46
N ARG B 294 19.35 -9.99 -7.97
CA ARG B 294 20.76 -10.17 -8.34
C ARG B 294 21.29 -11.56 -8.01
N ALA B 295 21.07 -12.02 -6.78
CA ALA B 295 21.59 -13.33 -6.40
C ALA B 295 20.99 -14.45 -7.24
N VAL B 296 19.69 -14.38 -7.46
CA VAL B 296 18.99 -15.32 -8.35
C VAL B 296 19.56 -15.31 -9.74
N ALA B 297 19.73 -14.13 -10.33
CA ALA B 297 20.30 -14.06 -11.67
C ALA B 297 21.71 -14.59 -11.71
N ALA B 298 22.54 -14.21 -10.75
CA ALA B 298 23.91 -14.71 -10.73
C ALA B 298 23.96 -16.23 -10.59
N ILE B 299 23.09 -16.79 -9.75
CA ILE B 299 22.98 -18.25 -9.61
C ILE B 299 22.60 -18.91 -10.92
N TRP B 300 21.52 -18.48 -11.55
CA TRP B 300 21.14 -19.13 -12.82
C TRP B 300 22.19 -18.92 -13.93
N VAL B 301 22.74 -17.72 -14.06
CA VAL B 301 23.71 -17.41 -15.12
C VAL B 301 25.03 -18.18 -14.93
N ALA B 302 25.69 -17.97 -13.78
CA ALA B 302 26.80 -18.82 -13.36
C ALA B 302 26.51 -20.31 -13.50
N SER B 303 25.30 -20.75 -13.15
CA SER B 303 24.94 -22.17 -13.23
C SER B 303 24.82 -22.69 -14.66
N VAL B 304 24.33 -21.88 -15.59
CA VAL B 304 24.35 -22.28 -17.01
C VAL B 304 25.78 -22.29 -17.54
N VAL B 305 26.57 -21.27 -17.20
CA VAL B 305 28.02 -21.31 -17.48
C VAL B 305 28.66 -22.62 -17.03
N PHE B 306 28.52 -22.93 -15.75
CA PHE B 306 29.15 -24.12 -15.16
C PHE B 306 28.59 -25.42 -15.72
N SER B 307 27.27 -25.54 -15.80
CA SER B 307 26.69 -26.76 -16.34
C SER B 307 27.02 -27.00 -17.81
N THR B 308 27.18 -25.92 -18.61
CA THR B 308 27.70 -26.05 -19.98
C THR B 308 29.15 -26.54 -19.99
N LEU B 309 30.01 -25.93 -19.18
CA LEU B 309 31.38 -26.43 -19.02
C LEU B 309 31.41 -27.89 -18.54
N PHE B 310 30.53 -28.26 -17.60
CA PHE B 310 30.48 -29.63 -17.08
C PHE B 310 30.04 -30.63 -18.13
N ILE B 311 29.00 -30.31 -18.90
CA ILE B 311 28.53 -31.25 -19.90
C ILE B 311 29.43 -31.28 -21.14
N ALA B 312 30.11 -30.18 -21.44
CA ALA B 312 31.12 -30.21 -22.49
C ALA B 312 32.33 -31.07 -22.09
N TYR B 313 32.83 -30.90 -20.86
CA TYR B 313 33.99 -31.63 -20.39
C TYR B 313 33.62 -32.81 -19.52
N TYR B 314 32.48 -33.45 -19.79
CA TYR B 314 31.92 -34.44 -18.88
C TYR B 314 32.82 -35.66 -18.69
N ASP B 315 33.75 -35.91 -19.60
CA ASP B 315 34.71 -36.99 -19.49
C ASP B 315 35.95 -36.60 -18.67
N HIS B 316 36.02 -35.35 -18.19
CA HIS B 316 37.11 -34.90 -17.33
C HIS B 316 36.68 -35.00 -15.88
N VAL B 317 37.52 -35.67 -15.08
CA VAL B 317 37.22 -35.93 -13.67
C VAL B 317 37.21 -34.65 -12.85
N ALA B 318 37.88 -33.59 -13.33
CA ALA B 318 37.78 -32.29 -12.69
C ALA B 318 36.35 -31.77 -12.64
N VAL B 319 35.53 -32.10 -13.63
CA VAL B 319 34.12 -31.73 -13.60
C VAL B 319 33.41 -32.45 -12.47
N LEU B 320 33.60 -33.76 -12.36
CA LEU B 320 32.94 -34.53 -11.32
C LEU B 320 33.41 -34.09 -9.92
N LEU B 321 34.69 -33.81 -9.77
CA LEU B 321 35.16 -33.27 -8.50
C LEU B 321 34.62 -31.87 -8.21
N CYS B 322 34.53 -30.99 -9.22
CA CYS B 322 33.86 -29.70 -8.98
C CYS B 322 32.41 -29.87 -8.51
N LEU B 323 31.69 -30.84 -9.07
CA LEU B 323 30.32 -31.12 -8.62
C LEU B 323 30.28 -31.61 -7.18
N VAL B 324 31.13 -32.58 -6.86
CA VAL B 324 31.19 -33.11 -5.50
C VAL B 324 31.61 -32.03 -4.50
N VAL B 325 32.69 -31.31 -4.79
CA VAL B 325 33.16 -30.24 -3.92
C VAL B 325 32.12 -29.15 -3.74
N PHE B 326 31.35 -28.86 -4.79
CA PHE B 326 30.25 -27.92 -4.62
C PHE B 326 29.17 -28.44 -3.68
N PHE B 327 28.78 -29.71 -3.85
CA PHE B 327 27.86 -30.34 -2.92
C PHE B 327 28.38 -30.35 -1.48
N LEU B 328 29.66 -30.66 -1.28
CA LEU B 328 30.25 -30.60 0.07
C LEU B 328 30.35 -29.19 0.65
N ALA B 329 30.60 -28.18 -0.17
CA ALA B 329 30.62 -26.80 0.32
C ALA B 329 29.24 -26.36 0.75
N MET B 330 28.21 -26.77 0.00
CA MET B 330 26.84 -26.55 0.42
C MET B 330 26.52 -27.31 1.70
N LEU B 331 27.07 -28.52 1.84
CA LEU B 331 26.84 -29.29 3.05
C LEU B 331 27.44 -28.63 4.28
N VAL B 332 28.75 -28.30 4.22
CA VAL B 332 29.42 -27.64 5.35
C VAL B 332 28.85 -26.25 5.63
N LEU B 333 28.35 -25.59 4.58
CA LEU B 333 27.62 -24.33 4.75
C LEU B 333 26.33 -24.48 5.54
N MET B 334 25.36 -25.17 4.94
CA MET B 334 24.08 -25.44 5.60
C MET B 334 24.23 -26.07 6.96
N ALA B 335 25.31 -26.83 7.19
CA ALA B 335 25.54 -27.37 8.52
C ALA B 335 25.90 -26.25 9.49
N VAL B 336 26.99 -25.53 9.23
CA VAL B 336 27.37 -24.36 10.05
C VAL B 336 26.14 -23.49 10.34
N LEU B 337 25.42 -23.17 9.29
CA LEU B 337 24.27 -22.28 9.35
C LEU B 337 23.12 -22.78 10.21
N TYR B 338 22.49 -23.89 9.82
CA TYR B 338 21.33 -24.39 10.55
C TYR B 338 21.69 -24.84 11.96
N VAL B 339 22.94 -25.27 12.22
CA VAL B 339 23.30 -25.61 13.58
C VAL B 339 23.57 -24.39 14.44
N HIS B 340 24.04 -23.28 13.85
CA HIS B 340 24.00 -22.02 14.59
C HIS B 340 22.56 -21.50 14.83
N MET B 341 21.69 -21.58 13.83
CA MET B 341 20.27 -21.28 14.06
C MET B 341 19.66 -22.17 15.14
N LEU B 342 20.10 -23.43 15.23
CA LEU B 342 19.59 -24.31 16.29
C LEU B 342 20.22 -24.06 17.65
N ALA B 343 21.46 -23.60 17.71
CA ALA B 343 22.01 -23.06 18.95
C ALA B 343 21.19 -21.90 19.46
N ARG B 344 20.90 -20.93 18.58
CA ARG B 344 20.06 -19.81 18.99
C ARG B 344 18.63 -20.25 19.31
N ALA B 345 18.13 -21.30 18.66
CA ALA B 345 16.84 -21.86 19.02
C ALA B 345 16.83 -22.44 20.42
N CYS B 346 17.87 -23.22 20.77
CA CYS B 346 18.01 -23.70 22.12
C CYS B 346 18.12 -22.55 23.17
N GLN B 347 18.94 -21.53 22.90
CA GLN B 347 19.00 -20.36 23.77
C GLN B 347 17.61 -19.68 23.95
N HIS B 348 16.83 -19.53 22.85
CA HIS B 348 15.45 -19.06 22.94
C HIS B 348 14.59 -20.00 23.79
N ALA B 349 14.70 -21.30 23.55
CA ALA B 349 13.96 -22.27 24.36
C ALA B 349 14.28 -22.15 25.86
N GLN B 350 15.57 -21.99 26.19
CA GLN B 350 15.95 -21.67 27.57
C GLN B 350 15.29 -20.39 28.10
N GLY B 351 15.37 -19.28 27.34
CA GLY B 351 14.68 -18.06 27.77
C GLY B 351 13.16 -18.19 27.93
N ILE B 352 12.51 -18.87 26.99
CA ILE B 352 11.10 -19.27 27.11
C ILE B 352 10.91 -20.05 28.40
N ALA B 353 11.68 -21.10 28.63
CA ALA B 353 11.55 -21.89 29.88
C ALA B 353 11.67 -21.02 31.11
N ARG B 354 12.66 -20.13 31.13
CA ARG B 354 12.85 -19.19 32.26
C ARG B 354 11.65 -18.26 32.48
N LEU B 355 11.07 -17.70 31.42
CA LEU B 355 9.89 -16.85 31.58
C LEU B 355 8.63 -17.63 31.92
N HIS B 356 8.43 -18.76 31.24
CA HIS B 356 7.18 -19.51 31.27
C HIS B 356 6.97 -20.23 32.59
N LYS B 357 8.03 -20.87 33.12
CA LYS B 357 7.93 -21.77 34.26
C LYS B 357 6.79 -22.81 34.15
N LEU B 368 13.34 -29.49 20.34
CA LEU B 368 13.07 -30.81 19.80
C LEU B 368 12.49 -30.68 18.40
N LYS B 369 11.53 -29.76 18.27
CA LYS B 369 10.94 -29.51 16.96
C LYS B 369 11.99 -28.98 16.00
N GLY B 370 12.92 -28.16 16.49
CA GLY B 370 14.02 -27.70 15.66
C GLY B 370 14.93 -28.84 15.23
N ALA B 371 15.21 -29.77 16.12
CA ALA B 371 15.97 -30.96 15.75
C ALA B 371 15.25 -31.80 14.68
N VAL B 372 13.95 -31.99 14.85
CA VAL B 372 13.13 -32.68 13.83
C VAL B 372 13.16 -31.93 12.51
N THR B 373 12.98 -30.61 12.55
CA THR B 373 13.02 -29.78 11.35
C THR B 373 14.38 -29.84 10.64
N LEU B 374 15.48 -29.78 11.38
CA LEU B 374 16.78 -29.97 10.76
C LEU B 374 16.96 -31.38 10.23
N THR B 375 16.44 -32.40 10.93
CA THR B 375 16.52 -33.75 10.40
C THR B 375 15.75 -33.90 9.10
N ILE B 376 14.63 -33.20 8.94
CA ILE B 376 13.93 -33.21 7.66
C ILE B 376 14.66 -32.40 6.60
N LEU B 377 15.06 -31.17 6.92
CA LEU B 377 15.78 -30.35 5.94
C LEU B 377 17.06 -31.03 5.45
N LEU B 378 17.99 -31.25 6.37
CA LEU B 378 19.30 -31.76 6.00
C LEU B 378 19.29 -33.24 5.69
N GLY B 379 18.36 -34.02 6.23
CA GLY B 379 18.22 -35.40 5.86
C GLY B 379 17.69 -35.58 4.46
N ILE B 380 16.57 -34.94 4.12
CA ILE B 380 16.09 -35.05 2.75
C ILE B 380 17.08 -34.45 1.75
N PHE B 381 17.80 -33.41 2.17
CA PHE B 381 18.93 -32.89 1.40
C PHE B 381 20.00 -33.96 1.18
N PHE B 382 20.60 -34.45 2.26
CA PHE B 382 21.71 -35.36 2.10
C PHE B 382 21.27 -36.71 1.52
N LEU B 383 20.18 -37.28 2.00
CA LEU B 383 19.74 -38.59 1.56
C LEU B 383 19.18 -38.60 0.14
N CYS B 384 18.77 -37.45 -0.41
CA CYS B 384 18.34 -37.44 -1.80
C CYS B 384 19.41 -36.92 -2.77
N TRP B 385 20.15 -35.87 -2.43
CA TRP B 385 21.24 -35.42 -3.30
C TRP B 385 22.51 -36.26 -3.16
N GLY B 386 22.93 -36.61 -1.94
CA GLY B 386 24.17 -37.27 -1.65
C GLY B 386 24.43 -38.58 -2.36
N PRO B 387 23.40 -39.41 -2.60
CA PRO B 387 23.66 -40.60 -3.41
C PRO B 387 24.26 -40.27 -4.77
N PHE B 388 23.79 -39.20 -5.42
CA PHE B 388 24.33 -38.80 -6.72
C PHE B 388 25.77 -38.30 -6.65
N PHE B 389 26.12 -37.54 -5.61
CA PHE B 389 27.50 -37.07 -5.50
C PHE B 389 28.44 -38.14 -4.95
N LEU B 390 27.92 -39.08 -4.15
CA LEU B 390 28.66 -40.28 -3.84
C LEU B 390 28.98 -41.06 -5.11
N HIS B 391 27.98 -41.23 -5.96
CA HIS B 391 28.15 -41.83 -7.28
C HIS B 391 29.27 -41.14 -8.07
N LEU B 392 29.23 -39.81 -8.19
CA LEU B 392 30.31 -39.07 -8.86
C LEU B 392 31.68 -39.27 -8.20
N THR B 393 31.73 -39.30 -6.86
CA THR B 393 32.96 -39.61 -6.15
C THR B 393 33.50 -40.98 -6.51
N LEU B 394 32.64 -41.96 -6.61
CA LEU B 394 33.09 -43.29 -6.99
C LEU B 394 33.46 -43.40 -8.47
N ILE B 395 32.78 -42.65 -9.34
CA ILE B 395 33.19 -42.57 -10.74
C ILE B 395 34.59 -41.98 -10.89
N VAL B 396 34.98 -41.10 -9.96
CA VAL B 396 36.34 -40.56 -10.01
C VAL B 396 37.31 -41.54 -9.34
N LEU B 397 37.05 -41.84 -8.07
CA LEU B 397 37.97 -42.58 -7.21
C LEU B 397 37.93 -44.09 -7.41
N CYS B 398 36.89 -44.61 -8.03
CA CYS B 398 36.61 -46.04 -7.96
C CYS B 398 35.89 -46.55 -9.21
N PRO B 399 36.47 -46.39 -10.40
CA PRO B 399 35.71 -46.67 -11.63
C PRO B 399 35.39 -48.13 -11.84
N GLU B 400 36.00 -49.04 -11.09
CA GLU B 400 36.04 -50.42 -11.51
C GLU B 400 35.87 -51.43 -10.40
N HIS B 401 35.91 -51.02 -9.13
CA HIS B 401 35.64 -51.94 -8.04
C HIS B 401 34.19 -52.41 -8.13
N PRO B 402 33.93 -53.70 -7.92
CA PRO B 402 32.56 -54.21 -8.03
C PRO B 402 31.54 -53.61 -7.06
N THR B 403 31.93 -53.20 -5.85
CA THR B 403 30.99 -52.51 -4.96
C THR B 403 30.60 -51.14 -5.50
N CYS B 404 31.54 -50.47 -6.14
CA CYS B 404 31.25 -49.26 -6.89
C CYS B 404 30.38 -49.58 -8.10
N GLY B 405 30.64 -50.72 -8.77
CA GLY B 405 29.72 -51.17 -9.81
C GLY B 405 28.29 -51.35 -9.32
N CYS B 406 28.14 -51.92 -8.12
CA CYS B 406 26.82 -52.04 -7.48
C CYS B 406 26.16 -50.69 -7.24
N ILE B 407 26.91 -49.69 -6.79
CA ILE B 407 26.39 -48.33 -6.63
C ILE B 407 26.02 -47.73 -8.00
N PHE B 408 26.86 -47.93 -9.02
CA PHE B 408 26.58 -47.37 -10.34
C PHE B 408 25.30 -47.93 -10.95
N LYS B 409 25.02 -49.22 -10.74
CA LYS B 409 23.74 -49.77 -11.19
C LYS B 409 22.50 -49.07 -10.62
N ASN B 410 22.62 -48.37 -9.48
CA ASN B 410 21.49 -47.68 -8.84
C ASN B 410 21.35 -46.19 -9.23
N PHE B 411 22.06 -45.75 -10.28
CA PHE B 411 22.05 -44.33 -10.66
C PHE B 411 20.64 -43.80 -10.95
N ASN B 412 19.75 -44.63 -11.52
CA ASN B 412 18.37 -44.20 -11.73
C ASN B 412 17.64 -43.99 -10.40
N LEU B 413 17.92 -44.84 -9.41
CA LEU B 413 17.40 -44.59 -8.07
C LEU B 413 17.85 -43.23 -7.55
N PHE B 414 19.10 -42.89 -7.85
CA PHE B 414 19.66 -41.61 -7.38
C PHE B 414 19.03 -40.39 -8.08
N LEU B 415 18.77 -40.47 -9.38
CA LEU B 415 18.03 -39.39 -10.03
C LEU B 415 16.60 -39.33 -9.54
N ALA B 416 15.96 -40.48 -9.31
CA ALA B 416 14.60 -40.44 -8.78
C ALA B 416 14.56 -39.87 -7.38
N LEU B 417 15.62 -40.03 -6.61
CA LEU B 417 15.73 -39.32 -5.35
C LEU B 417 15.88 -37.81 -5.51
N ILE B 418 16.66 -37.36 -6.50
CA ILE B 418 16.69 -35.93 -6.80
C ILE B 418 15.32 -35.39 -7.22
N ILE B 419 14.51 -36.21 -7.89
CA ILE B 419 13.13 -35.81 -8.14
C ILE B 419 12.30 -35.87 -6.87
N CYS B 420 12.58 -36.81 -5.97
CA CYS B 420 12.03 -36.74 -4.63
C CYS B 420 12.38 -35.44 -3.89
N ASN B 421 13.58 -34.89 -4.10
CA ASN B 421 13.84 -33.52 -3.66
C ASN B 421 12.87 -32.54 -4.29
N ALA B 422 12.77 -32.57 -5.61
CA ALA B 422 11.86 -31.66 -6.30
C ALA B 422 10.42 -31.80 -5.82
N ILE B 423 10.03 -32.97 -5.32
CA ILE B 423 8.73 -33.18 -4.67
C ILE B 423 8.69 -32.56 -3.26
N ILE B 424 9.66 -32.92 -2.41
CA ILE B 424 9.53 -32.63 -0.97
C ILE B 424 9.90 -31.20 -0.61
N ASP B 425 10.80 -30.57 -1.37
CA ASP B 425 11.20 -29.20 -1.05
C ASP B 425 10.07 -28.17 -1.10
N PRO B 426 9.14 -28.20 -2.06
CA PRO B 426 7.86 -27.50 -1.85
C PRO B 426 7.24 -27.73 -0.48
N LEU B 427 7.19 -28.97 -0.02
CA LEU B 427 6.59 -29.22 1.28
C LEU B 427 7.45 -28.66 2.41
N ILE B 428 8.77 -28.81 2.32
CA ILE B 428 9.64 -28.36 3.40
C ILE B 428 9.64 -26.84 3.50
N TYR B 429 9.86 -26.16 2.38
CA TYR B 429 10.11 -24.73 2.34
C TYR B 429 8.87 -23.89 2.05
N ALA B 430 8.08 -24.27 1.05
CA ALA B 430 7.00 -23.39 0.61
C ALA B 430 5.75 -23.56 1.48
N PHE B 431 5.17 -24.76 1.50
CA PHE B 431 3.86 -24.98 2.12
C PHE B 431 3.91 -25.01 3.64
N HIS B 432 5.06 -24.73 4.26
CA HIS B 432 5.04 -24.31 5.65
C HIS B 432 4.43 -22.93 5.83
N SER B 433 4.41 -22.12 4.79
CA SER B 433 3.79 -20.81 4.85
C SER B 433 2.27 -20.90 4.84
N GLN B 434 1.63 -20.37 5.88
CA GLN B 434 0.18 -20.27 5.94
C GLN B 434 -0.41 -19.43 4.82
N GLU B 435 0.24 -18.32 4.44
CA GLU B 435 -0.27 -17.44 3.38
C GLU B 435 -0.14 -18.07 2.01
N LEU B 436 0.92 -18.88 1.83
CA LEU B 436 1.03 -19.72 0.65
C LEU B 436 -0.08 -20.76 0.60
N ARG B 437 -0.32 -21.45 1.70
CA ARG B 437 -1.39 -22.44 1.70
C ARG B 437 -2.75 -21.83 1.35
N ARG B 438 -3.06 -20.68 1.95
CA ARG B 438 -4.30 -19.95 1.64
C ARG B 438 -4.40 -19.58 0.16
N THR B 439 -3.30 -19.08 -0.42
CA THR B 439 -3.31 -18.78 -1.84
C THR B 439 -3.39 -20.06 -2.67
N LEU B 440 -2.77 -21.14 -2.20
CA LEU B 440 -2.88 -22.41 -2.90
C LEU B 440 -4.33 -22.91 -2.94
N LYS B 441 -5.05 -22.72 -1.83
CA LYS B 441 -6.47 -23.05 -1.78
C LYS B 441 -7.29 -22.25 -2.77
N GLU B 442 -7.03 -20.94 -2.84
CA GLU B 442 -7.75 -20.17 -3.85
C GLU B 442 -7.27 -20.39 -5.28
N VAL B 443 -6.02 -20.82 -5.47
CA VAL B 443 -5.59 -21.23 -6.80
C VAL B 443 -6.22 -22.54 -7.22
N LEU B 444 -6.39 -23.47 -6.28
CA LEU B 444 -6.95 -24.77 -6.66
C LEU B 444 -8.47 -24.77 -6.76
N THR B 445 -9.15 -23.84 -6.13
CA THR B 445 -10.59 -23.77 -6.23
C THR B 445 -10.96 -23.42 -7.66
N LEU C 5 1.04 6.58 -26.48
CA LEU C 5 0.99 7.58 -25.41
C LEU C 5 1.36 8.95 -25.93
N SER C 6 0.64 9.96 -25.44
CA SER C 6 1.01 11.33 -25.79
C SER C 6 2.28 11.73 -25.06
N ALA C 7 2.93 12.79 -25.54
CA ALA C 7 4.06 13.37 -24.84
C ALA C 7 3.74 13.70 -23.39
N GLU C 8 2.50 14.14 -23.13
CA GLU C 8 2.14 14.42 -21.75
C GLU C 8 1.94 13.13 -20.97
N ASP C 9 1.44 12.08 -21.61
CA ASP C 9 1.38 10.79 -20.95
C ASP C 9 2.77 10.23 -20.69
N LYS C 10 3.68 10.37 -21.65
CA LYS C 10 5.09 10.00 -21.44
C LYS C 10 5.72 10.75 -20.26
N ALA C 11 5.43 12.03 -20.12
CA ALA C 11 5.96 12.78 -18.99
C ALA C 11 5.28 12.42 -17.67
N ALA C 12 3.98 12.15 -17.70
CA ALA C 12 3.29 11.69 -16.50
C ALA C 12 3.77 10.31 -16.05
N VAL C 13 4.07 9.41 -16.99
CA VAL C 13 4.66 8.13 -16.58
C VAL C 13 6.08 8.31 -16.07
N GLU C 14 6.85 9.22 -16.66
CA GLU C 14 8.14 9.59 -16.10
C GLU C 14 8.00 10.03 -14.65
N ARG C 15 7.07 10.96 -14.39
CA ARG C 15 6.74 11.38 -13.04
C ARG C 15 6.37 10.20 -12.12
N SER C 16 5.50 9.30 -12.59
CA SER C 16 5.18 8.11 -11.80
C SER C 16 6.39 7.26 -11.49
N LYS C 17 7.25 7.02 -12.48
CA LYS C 17 8.50 6.34 -12.21
C LYS C 17 9.35 7.06 -11.14
N MET C 18 9.42 8.37 -11.19
CA MET C 18 10.25 9.13 -10.25
C MET C 18 9.69 9.06 -8.85
N ILE C 19 8.37 9.15 -8.72
CA ILE C 19 7.70 8.88 -7.45
C ILE C 19 7.92 7.44 -6.99
N GLU C 20 7.85 6.47 -7.89
CA GLU C 20 8.17 5.10 -7.46
C GLU C 20 9.61 4.97 -6.95
N LYS C 21 10.59 5.61 -7.59
CA LYS C 21 11.94 5.71 -7.01
C LYS C 21 11.93 6.28 -5.58
N GLN C 22 11.21 7.37 -5.36
CA GLN C 22 11.12 7.92 -4.00
C GLN C 22 10.43 6.97 -3.02
N LEU C 23 9.34 6.35 -3.44
CA LEU C 23 8.68 5.36 -2.62
C LEU C 23 9.58 4.15 -2.32
N GLN C 24 10.44 3.75 -3.25
CA GLN C 24 11.39 2.68 -2.98
C GLN C 24 12.45 3.10 -1.97
N LYS C 25 12.91 4.34 -2.03
CA LYS C 25 13.79 4.87 -1.00
C LYS C 25 13.11 4.86 0.39
N ASP C 26 11.85 5.32 0.43
CA ASP C 26 11.07 5.25 1.66
C ASP C 26 10.76 3.84 2.08
N LYS C 27 10.68 2.89 1.16
CA LYS C 27 10.61 1.49 1.54
C LYS C 27 11.88 1.02 2.22
N GLN C 28 13.03 1.50 1.77
CA GLN C 28 14.28 1.26 2.51
C GLN C 28 14.21 1.83 3.91
N VAL C 29 13.82 3.10 4.02
CA VAL C 29 13.68 3.75 5.33
C VAL C 29 12.71 2.98 6.22
N TYR C 30 11.54 2.65 5.68
CA TYR C 30 10.45 2.07 6.42
C TYR C 30 10.72 0.64 6.86
N ARG C 31 11.46 -0.14 6.07
CA ARG C 31 11.77 -1.49 6.54
C ARG C 31 13.02 -1.52 7.41
N ALA C 32 13.92 -0.56 7.25
CA ALA C 32 14.98 -0.41 8.23
C ALA C 32 14.46 0.16 9.55
N THR C 33 13.41 0.98 9.51
CA THR C 33 12.77 1.42 10.74
C THR C 33 11.94 0.28 11.33
N HIS C 34 12.09 0.08 12.65
CA HIS C 34 11.23 -0.79 13.44
C HIS C 34 10.25 0.06 14.25
N ARG C 35 8.94 -0.14 14.05
CA ARG C 35 7.91 0.60 14.77
C ARG C 35 7.55 -0.04 16.11
N LEU C 36 7.46 0.79 17.15
CA LEU C 36 7.08 0.37 18.49
C LEU C 36 5.89 1.19 18.97
N LEU C 37 4.97 0.53 19.69
CA LEU C 37 3.84 1.18 20.33
C LEU C 37 4.13 1.25 21.82
N LEU C 38 4.20 2.47 22.35
CA LEU C 38 4.48 2.71 23.77
C LEU C 38 3.16 2.87 24.53
N LEU C 39 2.62 1.78 25.04
CA LEU C 39 1.45 1.82 25.92
C LEU C 39 1.83 2.02 27.39
N GLY C 40 0.79 2.19 28.22
CA GLY C 40 0.93 2.45 29.64
C GLY C 40 0.07 3.57 30.15
N ALA C 41 -0.44 3.38 31.39
CA ALA C 41 -1.21 4.43 32.02
C ALA C 41 -0.34 5.67 32.30
N ASP C 42 -1.01 6.74 32.72
CA ASP C 42 -0.38 8.02 32.96
C ASP C 42 0.56 7.99 34.15
N ASN C 43 0.34 7.07 35.11
CA ASN C 43 1.27 6.88 36.21
C ASN C 43 2.56 6.23 35.76
N SER C 44 2.55 5.53 34.60
CA SER C 44 3.63 4.61 34.31
C SER C 44 4.97 5.31 34.13
N GLY C 45 5.00 6.63 33.94
CA GLY C 45 6.26 7.28 33.66
C GLY C 45 6.83 7.02 32.29
N LYS C 46 5.99 6.56 31.36
CA LYS C 46 6.43 6.33 29.98
C LYS C 46 6.95 7.60 29.32
N SER C 47 6.43 8.77 29.72
CA SER C 47 6.97 10.03 29.22
C SER C 47 8.42 10.26 29.67
N THR C 48 8.77 9.85 30.90
CA THR C 48 10.16 9.93 31.35
C THR C 48 11.05 8.97 30.55
N ILE C 49 10.55 7.77 30.25
CA ILE C 49 11.27 6.85 29.36
C ILE C 49 11.51 7.46 27.99
N VAL C 50 10.48 8.10 27.41
CA VAL C 50 10.63 8.85 26.17
C VAL C 50 11.72 9.90 26.27
N LYS C 51 11.68 10.73 27.30
CA LYS C 51 12.67 11.78 27.46
C LYS C 51 14.09 11.21 27.60
N GLN C 52 14.26 10.21 28.47
CA GLN C 52 15.59 9.64 28.71
C GLN C 52 16.10 8.82 27.54
N MET C 53 15.22 8.36 26.66
CA MET C 53 15.68 7.75 25.43
C MET C 53 15.96 8.77 24.33
N ARG C 54 15.24 9.89 24.29
CA ARG C 54 15.47 10.88 23.26
C ARG C 54 16.78 11.62 23.44
N ILE C 55 17.19 11.86 24.68
CA ILE C 55 18.51 12.41 24.91
C ILE C 55 19.60 11.42 24.53
N THR C 181 -2.46 18.64 22.22
CA THR C 181 -3.69 17.88 22.06
C THR C 181 -3.38 16.84 20.99
N SER C 182 -2.11 16.84 20.59
CA SER C 182 -1.69 15.95 19.54
C SER C 182 -1.84 14.49 19.96
N GLY C 183 -2.48 13.70 19.12
CA GLY C 183 -2.88 12.36 19.50
C GLY C 183 -1.80 11.31 19.46
N ILE C 184 -0.63 11.61 18.93
CA ILE C 184 0.43 10.61 18.85
C ILE C 184 1.77 11.31 18.81
N PHE C 185 2.75 10.74 19.49
CA PHE C 185 4.12 11.26 19.52
C PHE C 185 5.08 10.19 19.01
N GLU C 186 5.77 10.48 17.91
CA GLU C 186 6.78 9.62 17.31
C GLU C 186 8.15 9.92 17.94
N THR C 187 8.58 9.09 18.89
CA THR C 187 9.94 9.16 19.44
C THR C 187 10.90 8.31 18.60
N LYS C 188 11.64 8.96 17.70
CA LYS C 188 12.69 8.27 16.95
C LYS C 188 13.96 8.12 17.79
N PHE C 189 14.53 6.92 17.77
CA PHE C 189 15.83 6.68 18.39
C PHE C 189 16.56 5.58 17.62
N GLN C 190 17.85 5.46 17.86
CA GLN C 190 18.67 4.51 17.11
C GLN C 190 19.65 3.78 18.02
N VAL C 191 19.80 2.48 17.81
CA VAL C 191 20.82 1.69 18.48
C VAL C 191 21.54 0.83 17.44
N ASP C 192 22.87 0.87 17.47
CA ASP C 192 23.75 0.13 16.55
C ASP C 192 23.25 0.21 15.11
N LYS C 193 23.01 1.45 14.66
CA LYS C 193 22.54 1.74 13.32
C LYS C 193 21.16 1.17 12.99
N VAL C 194 20.44 0.66 13.98
CA VAL C 194 19.07 0.22 13.76
C VAL C 194 18.16 1.33 14.24
N ASN C 195 17.32 1.82 13.32
CA ASN C 195 16.38 2.88 13.65
C ASN C 195 15.11 2.30 14.26
N PHE C 196 14.67 2.93 15.35
CA PHE C 196 13.42 2.60 16.03
C PHE C 196 12.54 3.83 16.08
N HIS C 197 11.28 3.66 15.69
CA HIS C 197 10.26 4.68 15.89
C HIS C 197 9.29 4.20 16.96
N MET C 198 9.21 4.94 18.07
CA MET C 198 8.41 4.56 19.23
C MET C 198 7.24 5.53 19.34
N PHE C 199 6.03 5.03 19.13
CA PHE C 199 4.80 5.81 19.06
C PHE C 199 4.15 5.88 20.45
N ASP C 200 4.47 6.94 21.19
CA ASP C 200 3.77 7.27 22.43
C ASP C 200 2.38 7.83 22.09
N VAL C 201 1.42 6.92 21.93
CA VAL C 201 0.02 7.29 21.75
C VAL C 201 -0.54 7.88 23.02
N GLY C 202 -1.21 9.03 22.88
CA GLY C 202 -1.61 9.85 24.00
C GLY C 202 -2.55 10.95 23.55
N ALA C 203 -3.24 11.54 24.53
CA ALA C 203 -4.43 12.35 24.27
C ALA C 203 -5.48 11.59 23.48
N GLN C 204 -5.47 10.26 23.55
CA GLN C 204 -6.62 9.48 23.07
C GLN C 204 -7.65 9.30 24.17
N ARG C 205 -8.84 8.89 23.76
CA ARG C 205 -9.87 8.52 24.73
C ARG C 205 -9.48 7.18 25.39
N ASP C 206 -10.16 6.87 26.47
CA ASP C 206 -9.85 5.70 27.30
C ASP C 206 -10.31 4.38 26.71
N GLU C 207 -10.88 4.33 25.52
CA GLU C 207 -11.03 3.05 24.81
C GLU C 207 -9.97 2.97 23.72
N ARG C 208 -9.10 1.98 23.84
CA ARG C 208 -8.04 1.72 22.90
C ARG C 208 -8.44 0.78 21.78
N ARG C 209 -9.58 0.10 21.91
CA ARG C 209 -9.86 -1.13 21.15
C ARG C 209 -9.97 -0.94 19.64
N LYS C 210 -10.14 0.28 19.16
CA LYS C 210 -10.12 0.54 17.71
C LYS C 210 -8.76 0.98 17.13
N TRP C 211 -8.09 1.95 17.77
CA TRP C 211 -6.81 2.39 17.24
C TRP C 211 -5.68 1.37 17.43
N ILE C 212 -5.76 0.44 18.38
CA ILE C 212 -4.76 -0.63 18.44
C ILE C 212 -4.77 -1.52 17.20
N GLN C 213 -5.86 -1.52 16.43
CA GLN C 213 -5.88 -2.24 15.16
C GLN C 213 -4.82 -1.71 14.19
N CYS C 214 -4.49 -0.42 14.27
CA CYS C 214 -3.45 0.12 13.39
C CYS C 214 -2.08 -0.52 13.64
N PHE C 215 -1.75 -0.79 14.90
CA PHE C 215 -0.42 -1.25 15.33
C PHE C 215 -0.23 -2.76 15.21
N ASN C 216 -1.19 -3.48 14.61
CA ASN C 216 -0.87 -4.73 13.98
C ASN C 216 0.30 -4.54 13.02
N ASP C 217 1.30 -5.43 13.15
CA ASP C 217 2.55 -5.34 12.41
C ASP C 217 3.43 -4.21 12.88
N VAL C 218 3.39 -3.90 14.18
CA VAL C 218 4.59 -3.32 14.82
C VAL C 218 5.49 -4.45 15.26
N THR C 219 6.79 -4.16 15.41
CA THR C 219 7.70 -5.17 15.94
C THR C 219 7.36 -5.47 17.40
N ALA C 220 7.10 -4.44 18.21
CA ALA C 220 6.73 -4.72 19.59
C ALA C 220 5.75 -3.68 20.10
N ILE C 221 4.93 -4.09 21.06
CA ILE C 221 4.31 -3.16 22.01
C ILE C 221 5.19 -3.04 23.27
N ILE C 222 5.57 -1.79 23.64
CA ILE C 222 6.21 -1.57 24.95
C ILE C 222 5.11 -1.10 25.90
N PHE C 223 4.97 -1.81 27.03
CA PHE C 223 3.91 -1.55 28.01
C PHE C 223 4.54 -1.13 29.34
N VAL C 224 4.61 0.16 29.60
CA VAL C 224 5.20 0.62 30.86
C VAL C 224 4.16 0.49 31.97
N VAL C 225 4.60 -0.09 33.09
CA VAL C 225 3.79 -0.24 34.29
C VAL C 225 4.45 0.55 35.41
N ASP C 226 3.65 1.37 36.12
CA ASP C 226 4.10 1.91 37.40
C ASP C 226 3.99 0.79 38.45
N SER C 227 5.11 0.09 38.70
CA SER C 227 5.20 -0.98 39.70
C SER C 227 4.79 -0.54 41.09
N SER C 228 4.87 0.78 41.38
CA SER C 228 4.53 1.25 42.70
C SER C 228 3.01 1.27 42.97
N ASP C 229 2.17 1.38 41.96
CA ASP C 229 0.81 1.92 42.14
C ASP C 229 -0.19 0.75 42.22
N TYR C 230 -0.13 0.04 43.35
CA TYR C 230 -0.76 -1.26 43.52
C TYR C 230 -2.24 -1.24 43.17
N ASN C 231 -2.95 -0.21 43.65
CA ASN C 231 -4.38 -0.13 43.34
C ASN C 231 -4.63 0.03 41.86
N ARG C 232 -3.68 0.66 41.15
CA ARG C 232 -3.77 0.77 39.70
C ARG C 232 -3.02 -0.35 39.02
N LEU C 233 -2.19 -1.09 39.76
CA LEU C 233 -1.56 -2.32 39.26
C LEU C 233 -2.59 -3.33 38.76
N GLN C 234 -3.74 -3.47 39.45
CA GLN C 234 -4.81 -4.38 38.98
C GLN C 234 -5.40 -3.98 37.62
N GLU C 235 -5.68 -2.70 37.43
CA GLU C 235 -6.14 -2.28 36.12
C GLU C 235 -5.02 -2.37 35.07
N ALA C 236 -3.77 -2.17 35.46
CA ALA C 236 -2.63 -2.44 34.56
C ALA C 236 -2.60 -3.90 34.13
N LEU C 237 -2.80 -4.83 35.08
CA LEU C 237 -2.90 -6.26 34.75
C LEU C 237 -4.07 -6.58 33.80
N ASN C 238 -5.26 -6.09 34.10
CA ASN C 238 -6.38 -6.25 33.18
C ASN C 238 -6.08 -5.67 31.79
N ASP C 239 -5.44 -4.52 31.74
CA ASP C 239 -5.07 -3.91 30.45
C ASP C 239 -4.00 -4.71 29.70
N PHE C 240 -3.05 -5.27 30.43
CA PHE C 240 -2.13 -6.26 29.83
C PHE C 240 -2.86 -7.47 29.27
N LYS C 241 -3.78 -8.05 30.04
CA LYS C 241 -4.62 -9.15 29.53
C LYS C 241 -5.37 -8.78 28.29
N SER C 242 -5.91 -7.56 28.26
CA SER C 242 -6.65 -7.08 27.10
C SER C 242 -5.76 -6.99 25.86
N ILE C 243 -4.56 -6.41 25.97
CA ILE C 243 -3.58 -6.41 24.86
C ILE C 243 -3.18 -7.82 24.44
N TRP C 244 -2.78 -8.65 25.42
CA TRP C 244 -2.28 -9.99 25.10
C TRP C 244 -3.34 -10.83 24.41
N ASN C 245 -4.58 -10.78 24.91
CA ASN C 245 -5.63 -11.58 24.31
C ASN C 245 -6.25 -11.01 23.05
N ASN C 246 -5.97 -9.75 22.71
CA ASN C 246 -6.68 -9.11 21.61
C ASN C 246 -6.38 -9.82 20.29
N ARG C 247 -7.46 -10.16 19.56
CA ARG C 247 -7.35 -10.80 18.24
C ARG C 247 -6.38 -10.08 17.32
N TRP C 248 -6.25 -8.75 17.37
CA TRP C 248 -5.29 -8.06 16.49
C TRP C 248 -3.86 -8.11 17.03
N LEU C 249 -3.65 -8.52 18.27
CA LEU C 249 -2.35 -8.53 18.91
C LEU C 249 -1.87 -9.93 19.19
N ARG C 250 -2.58 -10.96 18.74
CA ARG C 250 -2.20 -12.35 19.00
C ARG C 250 -0.75 -12.66 18.62
N THR C 251 -0.08 -11.82 17.81
CA THR C 251 1.29 -12.12 17.38
C THR C 251 2.28 -11.05 17.83
N ILE C 252 1.81 -10.02 18.51
CA ILE C 252 2.62 -8.83 18.83
C ILE C 252 3.14 -8.97 20.26
N SER C 253 4.44 -9.20 20.40
CA SER C 253 5.08 -9.31 21.71
C SER C 253 5.06 -7.99 22.49
N VAL C 254 4.97 -8.13 23.79
CA VAL C 254 4.90 -6.98 24.72
C VAL C 254 6.18 -6.89 25.56
N ILE C 255 6.90 -5.79 25.40
CA ILE C 255 8.02 -5.46 26.29
C ILE C 255 7.51 -4.74 27.51
N LEU C 256 7.23 -5.46 28.61
CA LEU C 256 6.91 -4.86 29.90
C LEU C 256 8.09 -4.09 30.47
N PHE C 257 7.90 -2.82 30.77
CA PHE C 257 8.85 -2.08 31.59
C PHE C 257 8.16 -1.73 32.91
N LEU C 258 8.44 -2.54 33.93
CA LEU C 258 8.02 -2.35 35.31
C LEU C 258 8.76 -1.16 35.92
N ASN C 259 8.38 0.05 35.49
CA ASN C 259 9.11 1.27 35.75
C ASN C 259 8.89 1.69 37.20
N LYS C 260 9.61 2.76 37.61
CA LYS C 260 9.63 3.32 38.95
C LYS C 260 10.10 2.29 39.98
N GLN C 261 11.04 1.41 39.55
CA GLN C 261 11.51 0.33 40.41
C GLN C 261 12.19 0.84 41.66
N ASP C 262 12.82 2.00 41.55
CA ASP C 262 13.27 2.76 42.72
C ASP C 262 12.16 3.14 43.69
N LEU C 263 11.13 3.80 43.22
CA LEU C 263 9.96 4.05 44.08
C LEU C 263 9.35 2.77 44.65
N LEU C 264 9.24 1.70 43.88
CA LEU C 264 8.80 0.40 44.43
C LEU C 264 9.72 -0.07 45.57
N ALA C 265 11.04 -0.12 45.35
CA ALA C 265 12.02 -0.43 46.41
C ALA C 265 11.83 0.43 47.66
N GLU C 266 11.75 1.74 47.46
CA GLU C 266 11.52 2.66 48.58
C GLU C 266 10.23 2.32 49.34
N LYS C 267 9.12 2.11 48.62
CA LYS C 267 7.85 1.80 49.28
C LYS C 267 7.95 0.53 50.10
N VAL C 268 8.53 -0.53 49.53
CA VAL C 268 8.63 -1.80 50.23
C VAL C 268 9.62 -1.72 51.41
N LEU C 269 10.72 -0.97 51.26
CA LEU C 269 11.64 -0.85 52.37
C LEU C 269 11.11 0.05 53.46
N ALA C 270 10.25 1.00 53.12
CA ALA C 270 9.49 1.74 54.11
C ALA C 270 8.44 0.83 54.77
N GLY C 271 7.82 -0.06 54.00
CA GLY C 271 6.92 -1.05 54.57
C GLY C 271 5.57 -0.54 55.00
N LYS C 272 5.22 0.69 54.67
CA LYS C 272 3.98 1.28 55.20
C LYS C 272 2.77 0.55 54.63
N SER C 273 2.79 0.22 53.33
CA SER C 273 1.75 -0.60 52.72
C SER C 273 2.41 -1.61 51.79
N LYS C 274 1.81 -2.79 51.73
CA LYS C 274 2.52 -3.97 51.25
C LYS C 274 1.61 -4.74 50.29
N ILE C 275 2.27 -5.41 49.31
CA ILE C 275 1.59 -6.23 48.31
C ILE C 275 0.54 -7.12 48.95
N GLU C 276 0.83 -7.64 50.16
CA GLU C 276 -0.10 -8.51 50.84
C GLU C 276 -1.44 -7.82 51.09
N ASP C 277 -1.44 -6.49 51.27
CA ASP C 277 -2.69 -5.77 51.43
C ASP C 277 -3.55 -5.87 50.18
N TYR C 278 -2.97 -6.25 49.05
CA TYR C 278 -3.66 -6.24 47.77
C TYR C 278 -3.68 -7.60 47.06
N PHE C 279 -2.68 -8.46 47.28
CA PHE C 279 -2.58 -9.76 46.62
C PHE C 279 -2.15 -10.83 47.61
N PRO C 280 -3.13 -11.53 48.18
CA PRO C 280 -2.82 -12.49 49.26
C PRO C 280 -2.02 -13.67 48.79
N GLU C 281 -2.03 -13.97 47.47
CA GLU C 281 -1.18 -15.04 46.94
C GLU C 281 0.29 -14.77 47.22
N PHE C 282 0.64 -13.52 47.52
CA PHE C 282 2.02 -13.18 47.87
C PHE C 282 2.44 -13.76 49.21
N ALA C 283 1.51 -14.35 49.96
CA ALA C 283 1.90 -15.28 51.02
C ALA C 283 2.39 -16.60 50.44
N ARG C 284 1.61 -17.20 49.56
CA ARG C 284 1.97 -18.49 48.97
C ARG C 284 3.19 -18.36 48.08
N TYR C 285 3.28 -17.27 47.32
CA TYR C 285 4.41 -17.08 46.40
C TYR C 285 5.70 -16.89 47.19
N THR C 286 6.76 -17.56 46.76
CA THR C 286 8.11 -17.34 47.27
C THR C 286 9.10 -17.36 46.11
N THR C 287 10.22 -16.68 46.34
CA THR C 287 11.08 -16.22 45.26
C THR C 287 11.44 -17.38 44.33
N PRO C 288 11.47 -17.16 43.01
CA PRO C 288 11.91 -18.23 42.11
C PRO C 288 13.33 -18.67 42.41
N GLU C 289 13.60 -19.95 42.18
CA GLU C 289 14.92 -20.51 42.43
C GLU C 289 15.99 -19.91 41.53
N ASP C 290 15.60 -19.21 40.46
CA ASP C 290 16.54 -18.65 39.51
C ASP C 290 16.45 -17.13 39.43
N ALA C 291 15.84 -16.50 40.43
CA ALA C 291 15.94 -15.05 40.56
C ALA C 291 17.38 -14.63 40.82
N THR C 292 17.73 -13.43 40.37
CA THR C 292 19.10 -12.92 40.42
C THR C 292 19.11 -11.50 40.96
N PRO C 293 18.92 -11.32 42.28
CA PRO C 293 18.93 -9.97 42.85
C PRO C 293 20.20 -9.20 42.51
N GLU C 294 20.05 -7.88 42.40
CA GLU C 294 21.19 -6.98 42.43
C GLU C 294 21.89 -7.07 43.76
N PRO C 295 23.19 -6.76 43.81
CA PRO C 295 23.95 -6.99 45.04
C PRO C 295 23.40 -6.22 46.26
N GLY C 296 22.89 -5.01 46.06
CA GLY C 296 22.31 -4.30 47.17
C GLY C 296 20.82 -4.51 47.35
N GLU C 297 20.22 -5.38 46.54
CA GLU C 297 18.77 -5.59 46.56
C GLU C 297 18.40 -6.51 47.72
N ASP C 298 17.47 -6.05 48.56
CA ASP C 298 16.92 -6.91 49.61
C ASP C 298 16.00 -7.98 49.02
N PRO C 299 15.99 -9.18 49.63
CA PRO C 299 15.16 -10.27 49.10
C PRO C 299 13.67 -9.97 49.09
N ARG C 300 13.16 -9.09 49.95
CA ARG C 300 11.76 -8.71 49.89
C ARG C 300 11.45 -7.86 48.66
N VAL C 301 12.38 -7.01 48.26
CA VAL C 301 12.26 -6.30 46.99
C VAL C 301 12.29 -7.28 45.84
N THR C 302 13.15 -8.30 45.94
CA THR C 302 13.15 -9.39 44.96
C THR C 302 11.78 -10.07 44.88
N ARG C 303 11.21 -10.38 46.04
CA ARG C 303 9.89 -11.00 46.07
C ARG C 303 8.84 -10.14 45.39
N ALA C 304 8.79 -8.87 45.73
CA ALA C 304 7.84 -7.97 45.07
C ALA C 304 8.04 -7.90 43.55
N LYS C 305 9.27 -7.57 43.11
CA LYS C 305 9.63 -7.57 41.71
C LYS C 305 9.12 -8.81 41.02
N TYR C 306 9.62 -9.98 41.43
CA TYR C 306 9.34 -11.21 40.68
C TYR C 306 7.92 -11.72 40.88
N PHE C 307 7.23 -11.28 41.92
CA PHE C 307 5.80 -11.58 42.01
C PHE C 307 5.00 -10.79 40.99
N ILE C 308 5.25 -9.50 40.86
CA ILE C 308 4.61 -8.69 39.82
C ILE C 308 4.91 -9.28 38.43
N ARG C 309 6.18 -9.58 38.15
CA ARG C 309 6.58 -10.29 36.94
C ARG C 309 5.76 -11.56 36.69
N ASP C 310 5.71 -12.40 37.71
CA ASP C 310 4.99 -13.65 37.61
C ASP C 310 3.49 -13.45 37.36
N GLU C 311 2.91 -12.43 37.98
CA GLU C 311 1.52 -12.06 37.74
C GLU C 311 1.27 -11.79 36.26
N PHE C 312 2.11 -10.98 35.61
CA PHE C 312 2.01 -10.77 34.17
C PHE C 312 2.27 -12.02 33.35
N LEU C 313 3.34 -12.73 33.70
CA LEU C 313 3.69 -13.95 32.99
C LEU C 313 2.63 -15.03 33.10
N ARG C 314 1.85 -15.06 34.16
CA ARG C 314 0.78 -16.04 34.22
C ARG C 314 -0.27 -15.78 33.14
N ILE C 315 -0.60 -14.52 32.90
CA ILE C 315 -1.50 -14.17 31.80
C ILE C 315 -0.88 -14.56 30.46
N SER C 316 0.38 -14.17 30.26
CA SER C 316 1.06 -14.43 28.98
C SER C 316 1.17 -15.92 28.69
N THR C 317 1.71 -16.67 29.65
CA THR C 317 1.85 -18.11 29.47
C THR C 317 0.49 -18.77 29.48
N ALA C 318 -0.56 -18.07 29.92
CA ALA C 318 -1.91 -18.62 29.85
C ALA C 318 -2.40 -18.62 28.41
N SER C 319 -2.55 -17.43 27.81
CA SER C 319 -3.24 -17.35 26.53
C SER C 319 -2.32 -17.57 25.33
N GLY C 320 -0.99 -17.43 25.50
CA GLY C 320 -0.09 -17.46 24.38
C GLY C 320 0.02 -18.85 23.77
N ASP C 321 -0.34 -19.00 22.50
CA ASP C 321 -0.04 -20.17 21.68
C ASP C 321 1.43 -20.34 21.41
N GLY C 322 2.27 -19.42 21.88
CA GLY C 322 3.64 -19.21 21.41
C GLY C 322 3.79 -18.42 20.13
N ARG C 323 2.70 -17.85 19.55
CA ARG C 323 2.90 -16.91 18.49
C ARG C 323 3.67 -15.69 18.98
N HIS C 324 3.40 -15.25 20.20
CA HIS C 324 4.00 -14.05 20.77
C HIS C 324 4.38 -14.27 22.22
N TYR C 325 5.41 -13.57 22.71
CA TYR C 325 5.97 -13.71 24.05
C TYR C 325 6.09 -12.35 24.72
N CYS C 326 6.09 -12.40 26.05
CA CYS C 326 6.27 -11.24 26.91
C CYS C 326 7.66 -11.20 27.56
N TYR C 327 8.40 -10.06 27.33
CA TYR C 327 9.77 -9.83 27.73
C TYR C 327 9.88 -8.79 28.85
N PRO C 328 9.62 -9.14 30.11
CA PRO C 328 9.71 -8.18 31.22
C PRO C 328 11.13 -7.74 31.53
N HIS C 329 11.30 -6.43 31.68
CA HIS C 329 12.54 -5.84 32.16
C HIS C 329 12.24 -4.88 33.29
N PHE C 330 12.96 -4.97 34.41
CA PHE C 330 12.89 -3.98 35.48
C PHE C 330 13.76 -2.78 35.08
N THR C 331 13.21 -1.58 35.26
CA THR C 331 13.88 -0.37 34.81
C THR C 331 13.46 0.80 35.72
N CYS C 332 14.27 1.85 35.70
CA CYS C 332 14.00 3.10 36.40
C CYS C 332 14.30 4.25 35.45
N SER C 333 14.04 5.46 35.91
CA SER C 333 14.33 6.65 35.12
C SER C 333 15.82 6.76 34.79
N VAL C 334 16.69 6.35 35.72
CA VAL C 334 18.15 6.42 35.59
C VAL C 334 18.73 5.47 34.55
N ASP C 335 17.89 4.62 33.98
CA ASP C 335 18.34 3.71 32.91
C ASP C 335 18.67 4.47 31.63
N THR C 336 19.98 4.51 31.29
CA THR C 336 20.41 4.71 29.92
C THR C 336 20.31 3.45 29.07
N GLU C 337 20.29 2.28 29.69
CA GLU C 337 20.31 0.98 29.05
C GLU C 337 19.04 0.67 28.28
N ASN C 338 17.93 1.38 28.54
CA ASN C 338 16.63 0.93 28.03
C ASN C 338 16.59 0.89 26.51
N ALA C 339 17.31 1.76 25.80
CA ALA C 339 17.44 1.62 24.37
C ALA C 339 18.09 0.29 24.02
N ARG C 340 19.16 -0.09 24.74
CA ARG C 340 19.78 -1.40 24.54
C ARG C 340 18.82 -2.53 24.86
N ARG C 341 18.09 -2.40 25.98
CA ARG C 341 17.04 -3.38 26.32
C ARG C 341 16.07 -3.60 25.15
N ILE C 342 15.48 -2.51 24.64
CA ILE C 342 14.51 -2.61 23.54
C ILE C 342 15.16 -3.17 22.28
N PHE C 343 16.43 -2.80 22.04
CA PHE C 343 17.15 -3.36 20.90
C PHE C 343 17.28 -4.88 21.00
N ASN C 344 17.73 -5.37 22.15
CA ASN C 344 17.80 -6.82 22.42
C ASN C 344 16.45 -7.53 22.38
N ASP C 345 15.42 -6.90 22.94
CA ASP C 345 14.07 -7.49 22.91
C ASP C 345 13.52 -7.60 21.51
N CYS C 346 13.67 -6.56 20.70
CA CYS C 346 13.22 -6.66 19.32
C CYS C 346 14.01 -7.69 18.54
N ARG C 347 15.31 -7.75 18.78
CA ARG C 347 16.10 -8.82 18.16
C ARG C 347 15.56 -10.21 18.52
N ASP C 348 15.24 -10.42 19.80
CA ASP C 348 14.67 -11.70 20.23
C ASP C 348 13.27 -11.97 19.67
N ILE C 349 12.43 -10.94 19.64
CA ILE C 349 11.11 -11.07 19.03
C ILE C 349 11.22 -11.53 17.58
N ILE C 350 12.03 -10.84 16.79
CA ILE C 350 12.14 -11.15 15.35
C ILE C 350 12.78 -12.53 15.14
N GLN C 351 13.80 -12.85 15.93
CA GLN C 351 14.36 -14.21 15.86
C GLN C 351 13.31 -15.28 16.17
N ARG C 352 12.59 -15.13 17.29
CA ARG C 352 11.54 -16.13 17.61
C ARG C 352 10.47 -16.22 16.54
N MET C 353 10.07 -15.09 16.00
CA MET C 353 9.12 -15.05 14.90
C MET C 353 9.62 -15.81 13.68
N HIS C 354 10.84 -15.51 13.20
CA HIS C 354 11.33 -16.25 12.04
C HIS C 354 11.55 -17.74 12.32
N LEU C 355 12.02 -18.08 13.51
CA LEU C 355 12.16 -19.48 13.86
C LEU C 355 10.83 -20.21 13.94
N ARG C 356 9.78 -19.56 14.46
CA ARG C 356 8.43 -20.12 14.40
C ARG C 356 7.99 -20.33 12.97
N GLN C 357 8.26 -19.37 12.10
CA GLN C 357 7.98 -19.55 10.70
C GLN C 357 8.81 -20.69 10.12
N TYR C 358 10.05 -20.85 10.58
CA TYR C 358 10.87 -21.94 10.09
C TYR C 358 10.63 -23.24 10.82
N GLU C 359 9.68 -23.31 11.76
CA GLU C 359 9.47 -24.49 12.58
C GLU C 359 10.72 -24.91 13.32
N LEU C 360 11.58 -23.97 13.69
CA LEU C 360 12.70 -24.28 14.57
C LEU C 360 12.42 -23.92 16.01
N LEU C 361 11.32 -23.23 16.30
CA LEU C 361 10.97 -22.86 17.64
C LEU C 361 9.45 -22.92 17.82
N ILE D 9 -29.46 16.37 36.26
CA ILE D 9 -28.18 16.38 35.54
C ILE D 9 -28.39 16.74 34.06
N ALA D 10 -27.56 17.68 33.57
CA ALA D 10 -27.85 18.32 32.27
C ALA D 10 -27.78 17.32 31.12
N GLN D 11 -26.83 16.41 31.16
CA GLN D 11 -26.65 15.42 30.10
C GLN D 11 -27.90 14.55 29.93
N ALA D 12 -28.53 14.14 31.02
CA ALA D 12 -29.75 13.36 30.90
C ALA D 12 -30.94 14.19 30.44
N ARG D 13 -31.01 15.47 30.83
CA ARG D 13 -32.04 16.33 30.25
C ARG D 13 -31.87 16.48 28.75
N LYS D 14 -30.64 16.67 28.28
CA LYS D 14 -30.36 16.68 26.85
C LYS D 14 -30.75 15.37 26.18
N LEU D 15 -30.41 14.23 26.78
CA LEU D 15 -30.79 12.93 26.22
C LEU D 15 -32.31 12.75 26.15
N VAL D 16 -33.03 13.19 27.18
CA VAL D 16 -34.51 13.20 27.16
C VAL D 16 -35.03 14.10 26.04
N GLU D 17 -34.52 15.32 25.92
CA GLU D 17 -34.96 16.21 24.85
C GLU D 17 -34.67 15.65 23.46
N GLN D 18 -33.54 14.97 23.30
CA GLN D 18 -33.20 14.34 22.01
C GLN D 18 -34.12 13.17 21.70
N LEU D 19 -34.43 12.34 22.70
CA LEU D 19 -35.39 11.27 22.44
C LEU D 19 -36.78 11.83 22.20
N LYS D 20 -37.16 12.92 22.86
CA LYS D 20 -38.42 13.58 22.57
C LYS D 20 -38.50 14.05 21.14
N MET D 21 -37.40 14.62 20.65
CA MET D 21 -37.30 15.00 19.23
C MET D 21 -37.43 13.81 18.29
N GLU D 22 -36.66 12.74 18.53
CA GLU D 22 -36.78 11.53 17.71
C GLU D 22 -38.17 10.94 17.75
N ALA D 23 -38.82 11.00 18.90
CA ALA D 23 -40.21 10.58 18.98
C ALA D 23 -41.12 11.41 18.08
N ASN D 24 -40.98 12.73 18.13
CA ASN D 24 -41.88 13.61 17.46
C ASN D 24 -41.69 13.68 15.95
N ILE D 25 -40.54 13.25 15.42
CA ILE D 25 -40.30 13.32 13.97
C ILE D 25 -41.36 12.51 13.21
N ASP D 26 -41.76 13.07 12.07
CA ASP D 26 -42.68 12.41 11.15
C ASP D 26 -42.01 11.22 10.48
N ARG D 27 -42.78 10.17 10.27
CA ARG D 27 -42.31 8.98 9.60
C ARG D 27 -43.27 8.57 8.49
N ILE D 28 -42.72 8.03 7.40
CA ILE D 28 -43.50 7.33 6.38
C ILE D 28 -43.46 5.83 6.67
N LYS D 29 -44.43 5.12 6.12
CA LYS D 29 -44.44 3.67 6.23
C LYS D 29 -43.27 3.03 5.47
N VAL D 30 -42.78 1.92 6.02
CA VAL D 30 -41.68 1.14 5.42
C VAL D 30 -42.01 0.66 4.02
N SER D 31 -43.29 0.41 3.73
CA SER D 31 -43.68 0.04 2.36
C SER D 31 -43.41 1.16 1.37
N LYS D 32 -43.75 2.40 1.73
CA LYS D 32 -43.43 3.54 0.87
C LYS D 32 -41.92 3.77 0.72
N ALA D 33 -41.16 3.66 1.80
CA ALA D 33 -39.70 3.74 1.72
C ALA D 33 -39.11 2.70 0.79
N ALA D 34 -39.48 1.44 0.99
CA ALA D 34 -39.04 0.34 0.14
C ALA D 34 -39.42 0.59 -1.32
N ALA D 35 -40.65 1.04 -1.55
CA ALA D 35 -41.07 1.38 -2.89
C ALA D 35 -40.25 2.49 -3.50
N ASP D 36 -39.88 3.51 -2.72
CA ASP D 36 -39.07 4.60 -3.24
C ASP D 36 -37.64 4.18 -3.55
N LEU D 37 -37.04 3.32 -2.73
CA LEU D 37 -35.72 2.78 -3.08
C LEU D 37 -35.77 1.89 -4.32
N MET D 38 -36.76 0.99 -4.38
CA MET D 38 -36.92 0.14 -5.55
C MET D 38 -37.16 0.95 -6.82
N ALA D 39 -37.99 2.00 -6.73
CA ALA D 39 -38.21 2.90 -7.85
C ALA D 39 -36.95 3.67 -8.26
N TYR D 40 -36.16 4.12 -7.30
CA TYR D 40 -34.89 4.77 -7.62
C TYR D 40 -33.95 3.82 -8.33
N CYS D 41 -33.84 2.59 -7.83
CA CYS D 41 -33.04 1.58 -8.52
C CYS D 41 -33.52 1.33 -9.95
N GLU D 42 -34.82 1.10 -10.12
CA GLU D 42 -35.36 0.89 -11.44
C GLU D 42 -35.15 2.09 -12.36
N ALA D 43 -35.36 3.31 -11.87
CA ALA D 43 -35.19 4.50 -12.67
C ALA D 43 -33.73 4.85 -12.93
N HIS D 44 -32.77 4.21 -12.26
CA HIS D 44 -31.36 4.49 -12.50
C HIS D 44 -30.57 3.25 -12.85
N ALA D 45 -31.24 2.14 -13.18
CA ALA D 45 -30.54 0.87 -13.42
C ALA D 45 -29.61 0.94 -14.61
N LYS D 46 -30.09 1.45 -15.75
CA LYS D 46 -29.26 1.49 -16.96
C LYS D 46 -28.08 2.45 -16.82
N GLU D 47 -28.20 3.47 -15.96
CA GLU D 47 -27.16 4.43 -15.63
C GLU D 47 -26.10 3.90 -14.68
N ASP D 48 -26.16 2.62 -14.30
CA ASP D 48 -25.21 2.06 -13.36
C ASP D 48 -24.30 1.05 -14.06
N PRO D 49 -23.06 1.42 -14.38
CA PRO D 49 -22.16 0.46 -15.07
C PRO D 49 -21.79 -0.76 -14.25
N LEU D 50 -21.90 -0.73 -12.93
CA LEU D 50 -21.61 -1.94 -12.17
C LEU D 50 -22.80 -2.90 -12.17
N LEU D 51 -24.01 -2.35 -12.17
CA LEU D 51 -25.19 -3.18 -12.25
C LEU D 51 -25.32 -3.78 -13.64
N THR D 52 -25.36 -2.93 -14.65
CA THR D 52 -25.50 -3.38 -16.02
C THR D 52 -24.24 -3.09 -16.84
N PRO D 53 -23.33 -4.04 -17.01
CA PRO D 53 -21.99 -3.71 -17.51
C PRO D 53 -22.01 -3.10 -18.90
N VAL D 54 -21.37 -1.96 -19.04
CA VAL D 54 -21.29 -1.21 -20.29
C VAL D 54 -20.49 -1.99 -21.32
N PRO D 55 -20.77 -1.81 -22.61
CA PRO D 55 -20.02 -2.53 -23.65
C PRO D 55 -18.53 -2.30 -23.52
N ALA D 56 -17.74 -3.31 -23.93
CA ALA D 56 -16.29 -3.26 -23.87
C ALA D 56 -15.71 -2.10 -24.66
N SER D 57 -16.33 -1.73 -25.78
CA SER D 57 -15.96 -0.51 -26.49
C SER D 57 -16.20 0.71 -25.64
N GLU D 58 -17.29 0.69 -24.86
CA GLU D 58 -17.70 1.84 -24.05
C GLU D 58 -16.96 1.89 -22.72
N ASN D 59 -16.49 0.73 -22.20
CA ASN D 59 -15.86 0.68 -20.89
C ASN D 59 -14.63 1.59 -20.84
N PRO D 60 -14.50 2.43 -19.82
CA PRO D 60 -13.32 3.28 -19.65
C PRO D 60 -12.03 2.53 -19.33
N PHE D 61 -12.04 1.19 -19.20
CA PHE D 61 -10.85 0.46 -18.77
C PHE D 61 -10.46 -0.66 -19.71
N ARG D 62 -11.02 -0.68 -20.92
CA ARG D 62 -10.71 -1.74 -21.86
C ARG D 62 -10.83 -1.16 -23.26
N GLU D 63 -10.12 -1.81 -24.19
CA GLU D 63 -9.93 -1.29 -25.54
C GLU D 63 -9.52 0.20 -25.54
N GLU E 8 -35.37 14.60 39.79
CA GLU E 8 -34.18 13.81 40.04
C GLU E 8 -33.85 12.88 38.85
N LEU E 9 -32.62 12.39 38.87
CA LEU E 9 -32.08 11.59 37.77
C LEU E 9 -32.99 10.43 37.40
N ASP E 10 -33.57 9.76 38.42
CA ASP E 10 -34.42 8.60 38.16
C ASP E 10 -35.59 8.92 37.25
N GLN E 11 -36.13 10.12 37.37
CA GLN E 11 -37.22 10.55 36.49
C GLN E 11 -36.76 10.71 35.07
N LEU E 12 -35.56 11.24 34.86
CA LEU E 12 -35.04 11.40 33.51
C LEU E 12 -34.68 10.06 32.87
N ARG E 13 -34.04 9.17 33.62
CA ARG E 13 -33.73 7.81 33.15
C ARG E 13 -35.01 7.03 32.80
N GLN E 14 -36.05 7.22 33.59
CA GLN E 14 -37.35 6.62 33.27
C GLN E 14 -37.97 7.25 32.02
N GLU E 15 -37.96 8.57 31.91
CA GLU E 15 -38.53 9.19 30.73
C GLU E 15 -37.74 8.85 29.48
N ALA E 16 -36.43 8.67 29.61
CA ALA E 16 -35.62 8.12 28.54
C ALA E 16 -36.10 6.74 28.11
N GLU E 17 -36.35 5.85 29.07
CA GLU E 17 -36.89 4.54 28.70
C GLU E 17 -38.26 4.61 28.04
N GLN E 18 -39.12 5.47 28.57
CA GLN E 18 -40.44 5.71 27.99
C GLN E 18 -40.37 6.26 26.57
N LEU E 19 -39.50 7.24 26.34
CA LEU E 19 -39.39 7.79 25.00
C LEU E 19 -38.77 6.80 24.02
N LYS E 20 -37.81 5.99 24.48
CA LYS E 20 -37.32 4.90 23.64
C LYS E 20 -38.45 3.92 23.27
N ASN E 21 -39.31 3.59 24.23
CA ASN E 21 -40.48 2.77 23.92
C ASN E 21 -41.42 3.45 22.92
N GLN E 22 -41.63 4.76 23.06
CA GLN E 22 -42.44 5.49 22.09
C GLN E 22 -41.86 5.40 20.68
N ILE E 23 -40.54 5.63 20.56
CA ILE E 23 -39.84 5.52 19.27
C ILE E 23 -39.98 4.12 18.68
N ARG E 24 -39.79 3.09 19.51
CA ARG E 24 -39.94 1.73 19.02
C ARG E 24 -41.35 1.43 18.57
N ASP E 25 -42.36 1.90 19.31
CA ASP E 25 -43.74 1.75 18.88
C ASP E 25 -44.03 2.45 17.55
N ALA E 26 -43.54 3.67 17.39
CA ALA E 26 -43.75 4.38 16.11
C ALA E 26 -43.09 3.65 14.95
N ARG E 27 -41.88 3.13 15.18
CA ARG E 27 -41.20 2.34 14.14
C ARG E 27 -41.97 1.05 13.81
N LYS E 28 -42.44 0.33 14.82
CA LYS E 28 -43.25 -0.88 14.58
C LYS E 28 -44.57 -0.54 13.88
N ALA E 29 -45.15 0.62 14.21
CA ALA E 29 -46.31 1.09 13.47
C ALA E 29 -46.02 1.37 12.00
N CYS E 30 -44.86 1.92 11.69
CA CYS E 30 -44.47 2.12 10.30
C CYS E 30 -44.05 0.84 9.59
N ALA E 31 -43.68 -0.20 10.32
CA ALA E 31 -43.15 -1.42 9.73
C ALA E 31 -44.22 -2.30 9.07
N ASP E 32 -45.05 -1.71 8.19
CA ASP E 32 -46.17 -2.45 7.63
C ASP E 32 -45.73 -3.60 6.73
N ALA E 33 -44.62 -3.43 6.00
CA ALA E 33 -44.12 -4.54 5.19
C ALA E 33 -42.60 -4.45 5.13
N THR E 34 -41.95 -5.60 5.00
CA THR E 34 -40.51 -5.59 4.84
C THR E 34 -40.12 -5.32 3.40
N LEU E 35 -38.90 -4.81 3.23
CA LEU E 35 -38.29 -4.72 1.91
C LEU E 35 -38.19 -6.08 1.21
N SER E 36 -37.94 -7.12 1.99
CA SER E 36 -37.87 -8.46 1.40
C SER E 36 -39.18 -8.81 0.73
N GLN E 37 -40.30 -8.40 1.31
CA GLN E 37 -41.58 -8.70 0.68
C GLN E 37 -41.82 -7.84 -0.53
N ILE E 38 -41.64 -6.51 -0.39
CA ILE E 38 -41.89 -5.58 -1.51
C ILE E 38 -40.97 -5.89 -2.68
N THR E 39 -39.73 -6.31 -2.42
CA THR E 39 -38.80 -6.65 -3.50
C THR E 39 -38.73 -8.16 -3.78
N ASN E 40 -39.55 -8.97 -3.11
CA ASN E 40 -39.57 -10.41 -3.37
C ASN E 40 -39.82 -10.77 -4.83
N ASN E 41 -40.50 -9.91 -5.59
CA ASN E 41 -40.75 -10.22 -6.99
C ASN E 41 -39.89 -9.46 -8.00
N ILE E 42 -39.00 -8.56 -7.54
CA ILE E 42 -38.07 -7.93 -8.48
C ILE E 42 -37.01 -8.94 -8.92
N ASP E 43 -36.57 -8.78 -10.17
CA ASP E 43 -35.68 -9.75 -10.79
C ASP E 43 -34.37 -9.87 -10.01
N PRO E 44 -33.88 -11.09 -9.82
CA PRO E 44 -32.54 -11.29 -9.23
C PRO E 44 -31.46 -10.70 -10.13
N VAL E 45 -30.53 -9.98 -9.51
CA VAL E 45 -29.46 -9.32 -10.25
C VAL E 45 -28.49 -10.31 -10.87
N GLY E 46 -28.36 -11.50 -10.30
CA GLY E 46 -27.49 -12.52 -10.84
C GLY E 46 -26.04 -12.21 -10.53
N ARG E 47 -25.19 -13.16 -10.90
CA ARG E 47 -23.77 -13.12 -10.55
C ARG E 47 -23.06 -11.95 -11.24
N ILE E 48 -22.48 -11.05 -10.45
CA ILE E 48 -21.76 -9.89 -10.97
C ILE E 48 -20.26 -10.16 -10.98
N GLN E 49 -19.77 -10.80 -12.05
CA GLN E 49 -18.38 -11.22 -12.16
C GLN E 49 -17.46 -10.06 -12.50
N MET E 50 -17.25 -9.19 -11.51
CA MET E 50 -16.34 -8.07 -11.66
C MET E 50 -14.89 -8.56 -11.74
N ARG E 51 -14.08 -7.82 -12.50
CA ARG E 51 -12.68 -8.12 -12.75
C ARG E 51 -11.80 -6.93 -12.35
N THR E 52 -10.63 -7.23 -11.81
CA THR E 52 -9.64 -6.20 -11.47
C THR E 52 -9.08 -5.60 -12.75
N ARG E 53 -9.55 -4.40 -13.09
CA ARG E 53 -9.07 -3.76 -14.30
C ARG E 53 -7.70 -3.10 -14.13
N ARG E 54 -7.40 -2.63 -12.91
CA ARG E 54 -6.12 -2.05 -12.54
C ARG E 54 -5.79 -2.48 -11.11
N THR E 55 -4.51 -2.77 -10.87
CA THR E 55 -3.94 -2.82 -9.53
C THR E 55 -2.93 -1.69 -9.35
N LEU E 56 -3.07 -0.94 -8.26
CA LEU E 56 -2.18 0.19 -7.95
C LEU E 56 -1.21 -0.24 -6.86
N ARG E 57 0.08 -0.16 -7.14
CA ARG E 57 1.06 -0.97 -6.43
C ARG E 57 2.06 -0.11 -5.69
N GLY E 58 1.79 1.17 -5.52
CA GLY E 58 2.84 2.06 -5.07
C GLY E 58 2.96 2.21 -3.56
N HIS E 59 1.88 1.95 -2.82
CA HIS E 59 1.89 2.12 -1.37
C HIS E 59 2.77 1.09 -0.67
N LEU E 60 3.19 1.50 0.55
CA LEU E 60 4.28 0.91 1.31
C LEU E 60 3.80 0.24 2.59
N ALA E 61 2.57 0.45 3.01
CA ALA E 61 2.08 -0.17 4.23
C ALA E 61 0.59 -0.38 4.08
N LYS E 62 -0.07 -0.71 5.19
CA LYS E 62 -1.52 -0.91 5.18
C LYS E 62 -2.25 0.35 4.72
N ILE E 63 -2.96 0.26 3.59
CA ILE E 63 -3.88 1.31 3.18
C ILE E 63 -5.08 1.32 4.10
N TYR E 64 -5.39 2.49 4.68
CA TYR E 64 -6.53 2.62 5.56
C TYR E 64 -7.73 3.28 4.90
N ALA E 65 -7.52 4.16 3.93
CA ALA E 65 -8.62 4.84 3.27
C ALA E 65 -8.26 5.17 1.83
N MET E 66 -9.31 5.30 1.00
CA MET E 66 -9.26 5.94 -0.31
C MET E 66 -10.53 6.75 -0.53
N HIS E 67 -10.46 7.71 -1.44
CA HIS E 67 -11.64 8.44 -1.87
C HIS E 67 -11.48 8.81 -3.35
N TRP E 68 -12.58 8.74 -4.08
CA TRP E 68 -12.61 9.15 -5.47
C TRP E 68 -12.81 10.64 -5.60
N GLY E 69 -12.22 11.21 -6.67
CA GLY E 69 -12.67 12.50 -7.16
C GLY E 69 -14.01 12.45 -7.85
N THR E 70 -14.68 13.62 -7.90
CA THR E 70 -15.87 13.75 -8.72
C THR E 70 -15.56 13.49 -10.19
N ASP E 71 -14.36 13.86 -10.63
CA ASP E 71 -13.84 13.49 -11.95
C ASP E 71 -13.83 11.98 -12.18
N SER E 72 -13.97 11.18 -11.13
CA SER E 72 -14.09 9.73 -11.20
C SER E 72 -12.86 9.09 -11.86
N ARG E 73 -11.69 9.75 -11.87
CA ARG E 73 -10.50 9.02 -12.28
C ARG E 73 -9.30 9.26 -11.36
N LEU E 74 -9.23 10.45 -10.76
CA LEU E 74 -8.27 10.71 -9.69
C LEU E 74 -8.73 10.06 -8.39
N LEU E 75 -7.75 9.57 -7.63
CA LEU E 75 -8.03 8.66 -6.52
C LEU E 75 -6.97 8.86 -5.45
N VAL E 76 -7.36 9.50 -4.33
CA VAL E 76 -6.53 9.64 -3.14
C VAL E 76 -6.52 8.32 -2.36
N SER E 77 -5.37 8.00 -1.76
CA SER E 77 -5.20 6.76 -1.00
C SER E 77 -4.23 6.99 0.16
N ALA E 78 -4.66 6.68 1.36
CA ALA E 78 -3.88 6.90 2.57
C ALA E 78 -3.38 5.56 3.11
N SER E 79 -2.13 5.55 3.59
CA SER E 79 -1.53 4.34 4.15
C SER E 79 -0.70 4.67 5.39
N GLN E 80 -0.55 3.66 6.24
CA GLN E 80 0.34 3.70 7.39
C GLN E 80 1.74 4.20 7.07
N ASP E 81 2.21 4.10 5.81
CA ASP E 81 3.52 4.63 5.43
C ASP E 81 3.61 6.12 5.62
N GLY E 82 2.47 6.79 5.85
CA GLY E 82 2.46 8.23 5.91
C GLY E 82 2.50 8.90 4.55
N LYS E 83 1.91 8.27 3.54
CA LYS E 83 1.76 8.86 2.22
C LYS E 83 0.28 8.99 1.91
N LEU E 84 -0.07 10.09 1.24
CA LEU E 84 -1.22 10.10 0.35
C LEU E 84 -0.66 9.96 -1.05
N ILE E 85 -1.21 9.03 -1.83
CA ILE E 85 -0.98 8.97 -3.26
C ILE E 85 -2.26 9.36 -3.98
N ILE E 86 -2.15 10.35 -4.84
CA ILE E 86 -3.19 10.63 -5.83
C ILE E 86 -2.93 9.74 -7.05
N TRP E 87 -3.87 8.87 -7.36
CA TRP E 87 -3.78 7.96 -8.50
C TRP E 87 -4.67 8.49 -9.61
N ASP E 88 -4.15 8.47 -10.83
CA ASP E 88 -5.01 8.44 -12.00
C ASP E 88 -5.38 6.98 -12.25
N SER E 89 -6.64 6.64 -11.94
CA SER E 89 -7.09 5.26 -12.09
C SER E 89 -6.94 4.76 -13.52
N TYR E 90 -7.22 5.62 -14.50
CA TYR E 90 -7.18 5.19 -15.90
C TYR E 90 -5.78 4.73 -16.30
N THR E 91 -4.77 5.54 -16.04
CA THR E 91 -3.41 5.21 -16.42
C THR E 91 -2.61 4.43 -15.39
N THR E 92 -3.10 4.30 -14.16
CA THR E 92 -2.36 3.85 -12.98
C THR E 92 -1.23 4.79 -12.57
N ASN E 93 -1.14 5.98 -13.18
CA ASN E 93 -0.05 6.89 -12.86
C ASN E 93 -0.24 7.45 -11.44
N LYS E 94 0.87 7.67 -10.73
CA LYS E 94 0.84 8.40 -9.47
C LYS E 94 0.92 9.90 -9.78
N VAL E 95 -0.21 10.60 -9.60
CA VAL E 95 -0.31 12.03 -9.87
C VAL E 95 0.42 12.82 -8.79
N HIS E 96 0.25 12.43 -7.52
CA HIS E 96 1.00 13.03 -6.43
C HIS E 96 1.32 11.96 -5.38
N ALA E 97 2.47 12.11 -4.74
CA ALA E 97 2.76 11.40 -3.50
C ALA E 97 3.08 12.41 -2.42
N ILE E 98 2.26 12.44 -1.38
CA ILE E 98 2.24 13.50 -0.36
C ILE E 98 2.85 12.93 0.92
N PRO E 99 3.98 13.46 1.39
CA PRO E 99 4.55 13.03 2.68
C PRO E 99 3.71 13.61 3.81
N LEU E 100 3.11 12.75 4.62
CA LEU E 100 2.32 13.20 5.75
C LEU E 100 3.18 13.50 6.97
N ARG E 101 2.71 14.44 7.79
CA ARG E 101 3.37 14.74 9.04
C ARG E 101 3.16 13.66 10.10
N SER E 102 2.21 12.75 9.90
CA SER E 102 2.05 11.61 10.80
C SER E 102 1.86 10.34 9.99
N SER E 103 2.56 9.28 10.40
CA SER E 103 2.44 7.99 9.72
C SER E 103 1.03 7.41 9.84
N TRP E 104 0.36 7.60 10.98
CA TRP E 104 -0.84 6.82 11.29
C TRP E 104 -2.12 7.47 10.80
N VAL E 105 -2.10 7.98 9.57
CA VAL E 105 -3.31 8.42 8.91
C VAL E 105 -4.29 7.27 8.83
N MET E 106 -5.58 7.62 8.95
CA MET E 106 -6.64 6.63 8.93
C MET E 106 -7.81 7.01 8.05
N THR E 107 -7.97 8.28 7.66
CA THR E 107 -8.98 8.71 6.71
C THR E 107 -8.30 9.60 5.69
N CYS E 108 -8.78 9.56 4.46
CA CYS E 108 -8.58 10.70 3.55
C CYS E 108 -9.84 11.01 2.77
N ALA E 109 -9.85 12.24 2.23
CA ALA E 109 -10.95 12.70 1.40
C ALA E 109 -10.40 13.52 0.24
N TYR E 110 -11.07 13.43 -0.90
CA TYR E 110 -10.80 14.29 -2.04
C TYR E 110 -11.96 15.28 -2.18
N ALA E 111 -11.61 16.55 -2.24
CA ALA E 111 -12.61 17.59 -2.34
C ALA E 111 -13.40 17.46 -3.64
N PRO E 112 -14.69 17.84 -3.63
CA PRO E 112 -15.46 17.81 -4.89
C PRO E 112 -14.84 18.64 -5.99
N SER E 113 -14.06 19.68 -5.64
CA SER E 113 -13.34 20.47 -6.64
C SER E 113 -12.03 19.80 -7.03
N GLY E 114 -11.51 18.93 -6.18
CA GLY E 114 -10.16 18.44 -6.36
C GLY E 114 -9.07 19.44 -6.16
N ASN E 115 -9.37 20.56 -5.53
CA ASN E 115 -8.32 21.48 -5.13
C ASN E 115 -7.60 20.96 -3.90
N TYR E 116 -8.30 20.21 -3.05
CA TYR E 116 -7.80 19.80 -1.76
C TYR E 116 -8.00 18.29 -1.59
N VAL E 117 -7.05 17.68 -0.90
CA VAL E 117 -7.25 16.41 -0.22
C VAL E 117 -7.07 16.59 1.27
N ALA E 118 -7.95 15.96 2.05
CA ALA E 118 -7.88 15.91 3.50
C ALA E 118 -7.31 14.58 3.93
N CYS E 119 -6.56 14.58 5.03
CA CYS E 119 -6.35 13.33 5.74
C CYS E 119 -6.06 13.59 7.20
N GLY E 120 -6.32 12.57 8.01
CA GLY E 120 -6.05 12.60 9.44
C GLY E 120 -6.08 11.20 10.01
N GLY E 121 -5.68 11.10 11.26
CA GLY E 121 -5.63 9.81 11.93
C GLY E 121 -5.35 9.93 13.43
N LEU E 122 -4.39 9.14 13.91
CA LEU E 122 -4.03 9.16 15.33
C LEU E 122 -3.35 10.44 15.77
N ASP E 123 -2.98 11.31 14.82
CA ASP E 123 -2.54 12.67 15.17
C ASP E 123 -3.67 13.50 15.75
N ASN E 124 -4.91 13.04 15.58
CA ASN E 124 -6.09 13.78 16.03
C ASN E 124 -6.22 15.09 15.28
N ILE E 125 -5.64 15.15 14.08
CA ILE E 125 -5.55 16.36 13.28
C ILE E 125 -5.90 15.98 11.86
N CYS E 126 -6.65 16.83 11.18
CA CYS E 126 -6.83 16.74 9.74
C CYS E 126 -5.93 17.76 9.06
N SER E 127 -5.03 17.27 8.21
CA SER E 127 -4.25 18.11 7.32
C SER E 127 -4.99 18.29 6.00
N ILE E 128 -5.37 19.52 5.71
CA ILE E 128 -5.92 19.87 4.40
C ILE E 128 -4.76 20.22 3.48
N TYR E 129 -4.61 19.43 2.41
CA TYR E 129 -3.51 19.59 1.46
C TYR E 129 -4.03 20.23 0.19
N ASN E 130 -3.41 21.36 -0.20
CA ASN E 130 -3.73 22.05 -1.45
C ASN E 130 -3.01 21.33 -2.59
N LEU E 131 -3.78 20.66 -3.45
CA LEU E 131 -3.21 19.98 -4.60
C LEU E 131 -2.80 20.93 -5.71
N LYS E 132 -3.38 22.13 -5.78
CA LYS E 132 -3.25 22.98 -6.96
C LYS E 132 -2.58 24.29 -6.61
N THR E 133 -1.42 24.18 -5.97
CA THR E 133 -0.58 25.34 -5.67
C THR E 133 0.09 25.85 -6.94
N ARG E 134 0.44 27.14 -6.93
CA ARG E 134 1.29 27.70 -7.97
C ARG E 134 2.74 27.30 -7.77
N GLU E 135 3.14 27.01 -6.54
CA GLU E 135 4.50 26.52 -6.33
C GLU E 135 4.68 25.08 -6.78
N GLY E 136 3.56 24.37 -7.04
CA GLY E 136 3.58 23.06 -7.66
C GLY E 136 3.82 21.86 -6.77
N ASN E 137 4.46 22.03 -5.62
CA ASN E 137 4.43 21.00 -4.59
C ASN E 137 3.11 21.06 -3.84
N VAL E 138 2.61 19.89 -3.45
CA VAL E 138 1.47 19.83 -2.53
C VAL E 138 1.94 20.21 -1.13
N ARG E 139 1.19 21.12 -0.48
CA ARG E 139 1.51 21.56 0.86
C ARG E 139 0.23 21.68 1.67
N VAL E 140 0.37 21.64 3.00
CA VAL E 140 -0.70 21.79 3.97
C VAL E 140 -1.34 23.17 3.89
N SER E 141 -2.61 23.21 3.46
CA SER E 141 -3.35 24.47 3.50
C SER E 141 -3.82 24.82 4.93
N ARG E 142 -4.29 23.83 5.68
CA ARG E 142 -4.72 24.04 7.06
C ARG E 142 -4.51 22.75 7.84
N GLU E 143 -4.26 22.93 9.16
CA GLU E 143 -3.99 21.84 10.08
C GLU E 143 -5.00 21.92 11.24
N LEU E 144 -6.15 21.26 11.02
CA LEU E 144 -7.33 21.41 11.85
C LEU E 144 -7.15 20.70 13.19
N ALA E 145 -7.19 21.46 14.27
CA ALA E 145 -6.96 20.94 15.61
C ALA E 145 -8.02 21.46 16.55
N GLY E 146 -8.41 20.61 17.51
CA GLY E 146 -9.56 20.81 18.36
C GLY E 146 -10.22 19.50 18.71
N HIS E 147 -10.02 18.48 17.85
CA HIS E 147 -10.40 17.13 18.19
C HIS E 147 -9.50 16.56 19.28
N THR E 148 -10.09 15.82 20.21
CA THR E 148 -9.43 15.42 21.46
C THR E 148 -9.33 13.90 21.45
N GLY E 149 -9.08 13.36 20.28
CA GLY E 149 -9.06 11.94 20.05
C GLY E 149 -8.76 11.73 18.59
N TYR E 150 -8.49 10.46 18.25
CA TYR E 150 -8.10 10.14 16.88
C TYR E 150 -9.20 10.53 15.89
N LEU E 151 -8.79 10.84 14.68
CA LEU E 151 -9.67 11.31 13.63
C LEU E 151 -9.96 10.18 12.65
N SER E 152 -11.21 9.77 12.56
CA SER E 152 -11.56 8.49 11.96
C SER E 152 -12.09 8.61 10.54
N CYS E 153 -12.83 9.67 10.24
CA CYS E 153 -13.31 9.92 8.88
C CYS E 153 -13.43 11.42 8.68
N CYS E 154 -13.25 11.87 7.44
CA CYS E 154 -13.56 13.24 7.04
C CYS E 154 -14.03 13.26 5.58
N ARG E 155 -14.93 14.20 5.29
CA ARG E 155 -15.52 14.36 3.98
C ARG E 155 -15.72 15.84 3.73
N PHE E 156 -15.31 16.33 2.56
CA PHE E 156 -15.56 17.71 2.18
C PHE E 156 -17.01 17.95 1.80
N LEU E 157 -17.56 19.04 2.32
CA LEU E 157 -18.78 19.62 1.79
C LEU E 157 -18.48 20.61 0.68
N ASP E 158 -17.36 21.29 0.78
CA ASP E 158 -17.04 22.46 -0.04
C ASP E 158 -15.54 22.66 0.04
N ASP E 159 -15.00 23.49 -0.87
CA ASP E 159 -13.61 23.90 -0.76
C ASP E 159 -13.27 24.47 0.62
N ASN E 160 -14.24 24.98 1.35
CA ASN E 160 -14.01 25.60 2.64
C ASN E 160 -14.65 24.87 3.80
N GLN E 161 -15.37 23.77 3.60
CA GLN E 161 -16.02 23.07 4.71
C GLN E 161 -15.74 21.58 4.65
N ILE E 162 -15.35 21.03 5.79
CA ILE E 162 -15.13 19.61 6.00
C ILE E 162 -15.83 19.16 7.26
N VAL E 163 -16.56 18.04 7.17
CA VAL E 163 -17.14 17.35 8.32
C VAL E 163 -16.24 16.20 8.73
N THR E 164 -16.05 16.04 10.05
CA THR E 164 -14.89 15.33 10.56
C THR E 164 -15.23 14.60 11.86
N SER E 165 -15.30 13.29 11.77
CA SER E 165 -15.61 12.45 12.90
C SER E 165 -14.35 12.05 13.62
N SER E 166 -14.50 11.76 14.91
CA SER E 166 -13.38 11.42 15.77
C SER E 166 -13.80 10.33 16.76
N GLY E 167 -12.80 9.57 17.23
CA GLY E 167 -12.86 8.76 18.44
C GLY E 167 -13.07 9.54 19.71
N ASP E 168 -13.03 10.87 19.65
CA ASP E 168 -13.46 11.64 20.81
C ASP E 168 -14.97 11.62 21.04
N THR E 169 -15.68 10.79 20.28
CA THR E 169 -17.14 10.64 20.23
C THR E 169 -17.86 11.80 19.57
N THR E 170 -17.15 12.73 18.92
CA THR E 170 -17.80 13.88 18.32
C THR E 170 -17.55 13.87 16.81
N CYS E 171 -18.40 14.57 16.07
CA CYS E 171 -18.09 15.04 14.72
C CYS E 171 -18.01 16.55 14.76
N ALA E 172 -17.20 17.12 13.87
CA ALA E 172 -17.11 18.56 13.78
C ALA E 172 -17.13 19.02 12.33
N LEU E 173 -17.82 20.12 12.09
CA LEU E 173 -17.77 20.87 10.83
C LEU E 173 -16.74 21.98 10.98
N TRP E 174 -15.82 22.10 10.03
CA TRP E 174 -14.74 23.06 10.14
C TRP E 174 -14.83 24.10 9.03
N ASP E 175 -14.52 25.33 9.38
CA ASP E 175 -14.23 26.39 8.40
C ASP E 175 -12.73 26.36 8.11
N ILE E 176 -12.37 25.84 6.94
CA ILE E 176 -10.96 25.64 6.61
C ILE E 176 -10.18 26.93 6.51
N GLU E 177 -10.82 28.02 6.04
CA GLU E 177 -10.11 29.29 5.95
C GLU E 177 -9.76 29.89 7.31
N THR E 178 -10.43 29.44 8.38
CA THR E 178 -10.16 29.94 9.72
C THR E 178 -9.73 28.85 10.69
N GLY E 179 -9.85 27.59 10.30
CA GLY E 179 -9.30 26.51 11.11
C GLY E 179 -10.06 26.24 12.38
N GLN E 180 -11.36 26.54 12.40
CA GLN E 180 -12.14 26.44 13.62
C GLN E 180 -13.39 25.63 13.38
N GLN E 181 -13.87 24.98 14.43
CA GLN E 181 -15.11 24.24 14.35
C GLN E 181 -16.30 25.19 14.32
N THR E 182 -17.05 25.18 13.21
CA THR E 182 -18.28 25.95 13.14
C THR E 182 -19.46 25.22 13.74
N THR E 183 -19.37 23.90 13.93
CA THR E 183 -20.40 23.14 14.65
C THR E 183 -19.78 21.86 15.16
N THR E 184 -20.07 21.51 16.43
CA THR E 184 -19.69 20.22 16.98
C THR E 184 -20.93 19.37 17.23
N PHE E 185 -20.89 18.12 16.74
CA PHE E 185 -21.97 17.15 16.89
C PHE E 185 -21.59 16.13 17.98
N THR E 186 -22.40 16.08 19.05
CA THR E 186 -21.96 15.57 20.34
C THR E 186 -22.96 14.62 20.98
N GLY E 187 -23.93 14.12 20.24
CA GLY E 187 -24.78 13.06 20.75
C GLY E 187 -24.20 11.66 20.79
N HIS E 188 -23.00 11.44 20.25
CA HIS E 188 -22.44 10.10 20.27
C HIS E 188 -21.79 9.77 21.61
N THR E 189 -21.78 8.47 21.93
CA THR E 189 -21.30 7.96 23.21
C THR E 189 -20.24 6.91 22.97
N GLY E 190 -19.59 6.94 21.82
CA GLY E 190 -18.51 6.01 21.54
C GLY E 190 -17.75 6.49 20.31
N ASP E 191 -16.68 5.78 20.02
CA ASP E 191 -15.80 6.25 18.95
C ASP E 191 -16.57 6.30 17.64
N VAL E 192 -16.69 7.49 17.06
CA VAL E 192 -17.33 7.64 15.76
C VAL E 192 -16.37 7.10 14.72
N MET E 193 -16.77 6.06 14.00
CA MET E 193 -15.89 5.34 13.09
C MET E 193 -16.09 5.70 11.63
N SER E 194 -17.29 6.14 11.25
CA SER E 194 -17.70 6.19 9.85
C SER E 194 -18.56 7.41 9.63
N LEU E 195 -18.57 7.91 8.40
CA LEU E 195 -19.16 9.21 8.10
C LEU E 195 -19.53 9.20 6.65
N SER E 196 -20.76 9.62 6.34
CA SER E 196 -21.20 9.78 4.95
C SER E 196 -22.10 10.99 4.79
N LEU E 197 -21.65 11.94 3.98
CA LEU E 197 -22.48 13.07 3.57
C LEU E 197 -23.61 12.62 2.64
N ALA E 198 -24.81 13.14 2.89
CA ALA E 198 -25.88 13.02 1.92
C ALA E 198 -25.46 13.73 0.61
N PRO E 199 -25.96 13.27 -0.54
CA PRO E 199 -25.65 13.95 -1.81
C PRO E 199 -26.01 15.43 -1.84
N ASP E 200 -26.98 15.86 -1.05
CA ASP E 200 -27.28 17.28 -0.90
C ASP E 200 -26.30 17.99 0.01
N THR E 201 -25.49 17.25 0.76
CA THR E 201 -24.57 17.76 1.75
C THR E 201 -25.24 18.56 2.86
N ARG E 202 -26.55 18.52 2.98
CA ARG E 202 -27.16 19.20 4.11
C ARG E 202 -27.35 18.27 5.31
N LEU E 203 -27.33 16.96 5.08
CA LEU E 203 -27.38 15.97 6.13
C LEU E 203 -26.14 15.10 6.03
N PHE E 204 -25.71 14.56 7.17
CA PHE E 204 -24.81 13.43 7.14
C PHE E 204 -25.18 12.42 8.23
N VAL E 205 -24.82 11.17 7.98
CA VAL E 205 -24.90 10.09 8.93
C VAL E 205 -23.51 9.75 9.42
N SER E 206 -23.36 9.55 10.74
CA SER E 206 -22.12 9.05 11.31
C SER E 206 -22.36 7.84 12.18
N GLY E 207 -21.58 6.79 11.96
CA GLY E 207 -21.71 5.54 12.69
C GLY E 207 -20.60 5.42 13.71
N ALA E 208 -20.92 4.89 14.89
CA ALA E 208 -19.97 4.84 15.97
C ALA E 208 -19.98 3.47 16.67
N CYS E 209 -18.96 3.28 17.52
CA CYS E 209 -18.81 2.10 18.37
C CYS E 209 -19.85 1.98 19.47
N ASP E 210 -20.72 2.97 19.64
CA ASP E 210 -21.92 2.79 20.44
C ASP E 210 -23.01 2.01 19.71
N ALA E 211 -22.64 1.42 18.57
CA ALA E 211 -23.52 0.63 17.70
C ALA E 211 -24.68 1.43 17.17
N SER E 212 -24.55 2.76 17.09
CA SER E 212 -25.64 3.59 16.60
C SER E 212 -25.15 4.40 15.42
N ALA E 213 -26.06 4.67 14.49
CA ALA E 213 -25.86 5.68 13.47
C ALA E 213 -26.77 6.85 13.76
N LYS E 214 -26.25 8.04 13.61
CA LYS E 214 -26.99 9.28 13.88
C LYS E 214 -27.00 10.17 12.64
N LEU E 215 -28.16 10.77 12.38
CA LEU E 215 -28.35 11.73 11.28
C LEU E 215 -28.27 13.15 11.82
N TRP E 216 -27.31 13.92 11.30
CA TRP E 216 -26.99 15.26 11.75
C TRP E 216 -27.44 16.26 10.68
N ASP E 217 -28.11 17.33 11.11
CA ASP E 217 -28.31 18.50 10.26
C ASP E 217 -27.03 19.33 10.32
N VAL E 218 -26.36 19.43 9.17
CA VAL E 218 -25.09 20.15 9.07
C VAL E 218 -25.20 21.59 9.57
N ARG E 219 -26.32 22.25 9.29
CA ARG E 219 -26.42 23.67 9.58
C ARG E 219 -27.26 23.97 10.81
N GLU E 220 -28.30 23.19 11.08
CA GLU E 220 -29.05 23.37 12.31
C GLU E 220 -28.26 22.92 13.52
N GLY E 221 -27.43 21.89 13.35
CA GLY E 221 -26.50 21.44 14.37
C GLY E 221 -26.92 20.40 15.39
N MET E 222 -28.03 19.69 15.17
CA MET E 222 -28.59 18.82 16.19
C MET E 222 -28.89 17.50 15.53
N CYS E 223 -28.94 16.45 16.33
CA CYS E 223 -29.34 15.12 15.88
C CYS E 223 -30.78 15.09 15.40
N ARG E 224 -30.96 14.92 14.09
CA ARG E 224 -32.28 14.82 13.52
C ARG E 224 -32.96 13.50 13.90
N GLN E 225 -32.22 12.39 13.86
CA GLN E 225 -32.75 11.11 14.33
C GLN E 225 -31.60 10.12 14.50
N THR E 226 -31.87 9.02 15.20
CA THR E 226 -30.85 8.06 15.60
C THR E 226 -31.29 6.63 15.29
N PHE E 227 -30.32 5.83 14.79
CA PHE E 227 -30.55 4.46 14.33
C PHE E 227 -29.68 3.49 15.10
N THR E 228 -30.28 2.40 15.59
CA THR E 228 -29.67 1.61 16.67
C THR E 228 -29.80 0.11 16.44
N GLY E 229 -29.90 -0.32 15.18
CA GLY E 229 -30.14 -1.73 14.94
C GLY E 229 -28.97 -2.68 15.11
N HIS E 230 -27.74 -2.17 15.04
CA HIS E 230 -26.54 -3.00 15.03
C HIS E 230 -26.18 -3.53 16.41
N GLU E 231 -25.41 -4.61 16.37
CA GLU E 231 -24.95 -5.34 17.54
C GLU E 231 -23.52 -5.04 17.93
N SER E 232 -22.73 -4.46 17.03
CA SER E 232 -21.35 -4.09 17.36
C SER E 232 -21.04 -2.76 16.67
N ASP E 233 -19.76 -2.44 16.61
CA ASP E 233 -19.30 -1.14 16.15
C ASP E 233 -19.61 -0.97 14.66
N ILE E 234 -20.24 0.14 14.31
CA ILE E 234 -20.55 0.46 12.92
C ILE E 234 -19.28 1.00 12.28
N ASN E 235 -18.45 0.09 11.76
CA ASN E 235 -17.19 0.49 11.12
C ASN E 235 -17.41 1.34 9.87
N ALA E 236 -18.54 1.17 9.17
CA ALA E 236 -18.72 1.76 7.86
C ALA E 236 -20.15 2.28 7.68
N ILE E 237 -20.28 3.37 6.92
CA ILE E 237 -21.59 3.95 6.63
C ILE E 237 -21.56 4.63 5.26
N CYS E 238 -22.69 4.57 4.58
CA CYS E 238 -22.81 5.07 3.22
C CYS E 238 -24.27 5.34 2.92
N PHE E 239 -24.57 6.57 2.47
CA PHE E 239 -25.88 6.88 1.91
C PHE E 239 -26.18 6.13 0.62
N PHE E 240 -27.40 5.61 0.55
CA PHE E 240 -28.02 5.26 -0.72
C PHE E 240 -28.15 6.51 -1.59
N PRO E 241 -27.88 6.41 -2.90
CA PRO E 241 -27.75 7.62 -3.71
C PRO E 241 -28.99 8.49 -3.72
N ASN E 242 -30.14 7.95 -3.31
CA ASN E 242 -31.32 8.80 -3.18
C ASN E 242 -31.18 9.78 -2.05
N GLY E 243 -30.24 9.55 -1.14
CA GLY E 243 -29.97 10.41 -0.01
C GLY E 243 -30.96 10.31 1.13
N ASN E 244 -31.87 9.33 1.08
CA ASN E 244 -32.93 9.16 2.06
C ASN E 244 -32.92 7.74 2.62
N ALA E 245 -31.90 6.95 2.31
CA ALA E 245 -31.56 5.77 3.07
C ALA E 245 -30.04 5.64 3.12
N PHE E 246 -29.53 4.87 4.10
CA PHE E 246 -28.10 4.65 4.19
C PHE E 246 -27.81 3.25 4.73
N ALA E 247 -26.73 2.65 4.24
CA ALA E 247 -26.21 1.38 4.71
C ALA E 247 -25.16 1.57 5.80
N THR E 248 -25.02 0.55 6.67
CA THR E 248 -24.12 0.59 7.81
C THR E 248 -23.41 -0.76 7.95
N GLY E 249 -22.10 -0.75 8.07
CA GLY E 249 -21.33 -1.97 8.29
C GLY E 249 -20.72 -2.01 9.67
N SER E 250 -20.87 -3.17 10.31
CA SER E 250 -20.51 -3.35 11.71
C SER E 250 -19.36 -4.34 11.90
N ASP E 251 -18.84 -4.36 13.14
CA ASP E 251 -18.03 -5.49 13.58
C ASP E 251 -18.78 -6.80 13.58
N ASP E 252 -20.07 -6.79 13.95
CA ASP E 252 -20.91 -7.92 13.61
C ASP E 252 -21.02 -7.99 12.10
N ALA E 253 -20.98 -9.21 11.57
CA ALA E 253 -20.71 -9.40 10.14
C ALA E 253 -21.81 -8.82 9.24
N THR E 254 -22.90 -8.28 9.79
CA THR E 254 -24.01 -7.77 9.00
C THR E 254 -23.71 -6.36 8.50
N CYS E 255 -24.27 -6.00 7.35
CA CYS E 255 -24.58 -4.60 7.07
C CYS E 255 -26.09 -4.45 7.01
N ARG E 256 -26.55 -3.26 7.34
CA ARG E 256 -27.96 -2.96 7.45
C ARG E 256 -28.28 -1.65 6.75
N LEU E 257 -29.41 -1.62 6.06
CA LEU E 257 -29.88 -0.44 5.34
C LEU E 257 -31.01 0.22 6.14
N PHE E 258 -30.79 1.48 6.53
CA PHE E 258 -31.73 2.27 7.32
C PHE E 258 -32.34 3.32 6.42
N ASP E 259 -33.64 3.45 6.45
CA ASP E 259 -34.30 4.53 5.75
C ASP E 259 -34.56 5.69 6.71
N LEU E 260 -34.22 6.89 6.24
CA LEU E 260 -34.37 8.07 7.08
C LEU E 260 -35.83 8.32 7.41
N ARG E 261 -36.70 8.24 6.40
CA ARG E 261 -38.10 8.58 6.59
C ARG E 261 -38.86 7.46 7.30
N ALA E 262 -38.48 6.20 7.06
CA ALA E 262 -39.06 5.13 7.87
C ALA E 262 -38.37 4.99 9.22
N ASP E 263 -37.22 5.64 9.42
CA ASP E 263 -36.54 5.73 10.71
C ASP E 263 -36.11 4.36 11.26
N GLN E 264 -35.85 3.38 10.39
CA GLN E 264 -35.59 2.02 10.85
C GLN E 264 -34.88 1.25 9.75
N GLU E 265 -34.37 0.06 10.12
CA GLU E 265 -33.84 -0.90 9.16
C GLU E 265 -34.87 -1.29 8.11
N LEU E 266 -34.52 -1.08 6.85
CA LEU E 266 -35.22 -1.80 5.80
C LEU E 266 -34.76 -3.24 5.70
N MET E 267 -33.45 -3.48 5.84
CA MET E 267 -32.89 -4.73 5.33
C MET E 267 -31.56 -4.97 6.05
N THR E 268 -31.27 -6.26 6.29
CA THR E 268 -30.02 -6.71 6.91
C THR E 268 -29.33 -7.68 5.95
N TYR E 269 -28.11 -7.34 5.54
CA TYR E 269 -27.29 -8.14 4.62
C TYR E 269 -26.33 -9.01 5.43
N SER E 270 -26.64 -10.30 5.53
CA SER E 270 -25.81 -11.22 6.29
C SER E 270 -25.90 -12.61 5.70
N HIS E 271 -24.80 -13.37 5.82
CA HIS E 271 -24.74 -14.75 5.36
C HIS E 271 -23.91 -15.54 6.36
N ASP E 272 -24.38 -16.75 6.70
CA ASP E 272 -23.76 -17.52 7.77
C ASP E 272 -22.32 -17.88 7.47
N ASN E 273 -21.93 -17.91 6.18
CA ASN E 273 -20.54 -18.14 5.82
C ASN E 273 -19.65 -16.96 6.19
N ILE E 274 -20.25 -15.81 6.53
CA ILE E 274 -19.49 -14.60 6.83
C ILE E 274 -19.58 -14.30 8.32
N ILE E 275 -18.44 -14.43 9.01
CA ILE E 275 -18.33 -14.42 10.45
C ILE E 275 -17.47 -13.27 10.94
N CYS E 276 -17.17 -12.29 10.09
CA CYS E 276 -16.15 -11.28 10.38
C CYS E 276 -16.68 -9.89 10.08
N GLY E 277 -16.01 -8.90 10.66
CA GLY E 277 -16.47 -7.53 10.59
C GLY E 277 -16.44 -6.99 9.17
N ILE E 278 -17.43 -6.16 8.86
CA ILE E 278 -17.42 -5.28 7.69
C ILE E 278 -16.55 -4.05 7.93
N THR E 279 -15.69 -3.73 6.96
CA THR E 279 -14.67 -2.71 7.09
C THR E 279 -14.99 -1.44 6.33
N SER E 280 -15.69 -1.56 5.19
CA SER E 280 -16.06 -0.40 4.38
C SER E 280 -17.31 -0.74 3.58
N VAL E 281 -18.08 0.29 3.25
CA VAL E 281 -19.37 0.12 2.58
C VAL E 281 -19.51 1.20 1.53
N SER E 282 -19.98 0.80 0.33
CA SER E 282 -20.33 1.75 -0.72
C SER E 282 -21.49 1.19 -1.53
N PHE E 283 -22.41 2.08 -1.92
CA PHE E 283 -23.41 1.77 -2.93
C PHE E 283 -22.86 1.99 -4.33
N SER E 284 -23.44 1.28 -5.30
CA SER E 284 -23.32 1.64 -6.70
C SER E 284 -24.25 2.81 -7.02
N LYS E 285 -24.04 3.38 -8.22
CA LYS E 285 -24.74 4.60 -8.60
C LYS E 285 -26.26 4.41 -8.62
N SER E 286 -26.74 3.21 -8.92
CA SER E 286 -28.17 2.98 -8.83
C SER E 286 -28.64 2.69 -7.40
N GLY E 287 -27.72 2.48 -6.46
CA GLY E 287 -28.08 1.92 -5.18
C GLY E 287 -28.42 0.45 -5.23
N ARG E 288 -28.49 -0.16 -6.41
CA ARG E 288 -28.94 -1.54 -6.51
C ARG E 288 -27.92 -2.51 -5.96
N LEU E 289 -26.65 -2.15 -6.02
CA LEU E 289 -25.58 -2.92 -5.41
C LEU E 289 -25.07 -2.23 -4.15
N LEU E 290 -24.99 -2.99 -3.06
CA LEU E 290 -24.27 -2.57 -1.87
C LEU E 290 -22.96 -3.37 -1.80
N LEU E 291 -21.84 -2.69 -1.86
CA LEU E 291 -20.51 -3.31 -1.83
C LEU E 291 -19.91 -3.17 -0.43
N ALA E 292 -19.57 -4.30 0.19
CA ALA E 292 -19.06 -4.30 1.56
C ALA E 292 -17.70 -4.96 1.66
N GLY E 293 -16.73 -4.21 2.15
CA GLY E 293 -15.45 -4.82 2.46
C GLY E 293 -15.51 -5.54 3.80
N TYR E 294 -14.65 -6.56 3.94
CA TYR E 294 -14.63 -7.43 5.11
C TYR E 294 -13.23 -7.62 5.69
N ASP E 295 -13.20 -8.05 6.96
CA ASP E 295 -11.98 -8.54 7.59
C ASP E 295 -11.44 -9.77 6.87
N ASP E 296 -12.32 -10.72 6.54
CA ASP E 296 -12.04 -11.63 5.45
C ASP E 296 -11.76 -10.86 4.18
N PHE E 297 -10.70 -11.29 3.46
CA PHE E 297 -10.09 -10.38 2.49
C PHE E 297 -10.93 -10.17 1.28
N ASN E 298 -12.16 -10.68 1.31
CA ASN E 298 -13.10 -10.43 0.24
C ASN E 298 -13.78 -9.07 0.47
N CYS E 299 -14.28 -8.46 -0.60
CA CYS E 299 -15.41 -7.56 -0.49
C CYS E 299 -16.57 -8.14 -1.30
N ASN E 300 -17.68 -8.38 -0.62
CA ASN E 300 -18.88 -8.97 -1.21
C ASN E 300 -19.81 -7.91 -1.80
N VAL E 301 -20.44 -8.25 -2.92
CA VAL E 301 -21.45 -7.40 -3.54
C VAL E 301 -22.82 -7.97 -3.19
N TRP E 302 -23.66 -7.13 -2.57
CA TRP E 302 -25.01 -7.50 -2.16
C TRP E 302 -26.03 -6.82 -3.06
N ASP E 303 -27.07 -7.59 -3.43
CA ASP E 303 -28.30 -6.97 -3.90
C ASP E 303 -28.90 -6.16 -2.78
N ALA E 304 -28.82 -4.84 -2.88
CA ALA E 304 -29.33 -3.96 -1.83
C ALA E 304 -30.83 -4.07 -1.66
N LEU E 305 -31.56 -4.45 -2.72
CA LEU E 305 -33.00 -4.60 -2.58
C LEU E 305 -33.38 -5.96 -1.99
N LYS E 306 -32.82 -7.04 -2.53
CA LYS E 306 -33.24 -8.37 -2.13
C LYS E 306 -32.41 -8.97 -1.00
N ALA E 307 -31.25 -8.39 -0.73
CA ALA E 307 -30.27 -8.91 0.24
C ALA E 307 -29.87 -10.35 -0.08
N ASP E 308 -29.21 -10.51 -1.20
CA ASP E 308 -28.49 -11.74 -1.48
C ASP E 308 -27.15 -11.38 -2.13
N ARG E 309 -26.19 -12.30 -2.00
CA ARG E 309 -24.76 -12.06 -2.28
C ARG E 309 -24.50 -12.18 -3.78
N ALA E 310 -24.90 -11.10 -4.49
CA ALA E 310 -24.78 -11.02 -5.94
C ALA E 310 -23.37 -11.26 -6.47
N GLY E 311 -22.33 -11.11 -5.65
CA GLY E 311 -20.99 -11.40 -6.13
C GLY E 311 -19.95 -11.23 -5.06
N VAL E 312 -18.68 -11.47 -5.44
CA VAL E 312 -17.54 -11.30 -4.54
C VAL E 312 -16.33 -10.83 -5.32
N LEU E 313 -15.57 -9.91 -4.74
CA LEU E 313 -14.30 -9.42 -5.27
C LEU E 313 -13.20 -9.98 -4.38
N ALA E 314 -12.39 -10.89 -4.93
CA ALA E 314 -11.61 -11.81 -4.12
C ALA E 314 -10.11 -11.65 -4.31
N GLY E 315 -9.64 -10.56 -4.91
CA GLY E 315 -8.25 -10.50 -5.30
C GLY E 315 -7.30 -10.08 -4.19
N HIS E 316 -7.82 -9.50 -3.11
CA HIS E 316 -6.94 -8.96 -2.08
C HIS E 316 -6.36 -10.05 -1.20
N ASP E 317 -5.17 -9.78 -0.69
CA ASP E 317 -4.41 -10.67 0.16
C ASP E 317 -4.49 -10.30 1.64
N ASN E 318 -5.18 -9.22 1.99
CA ASN E 318 -5.35 -8.83 3.39
C ASN E 318 -6.64 -8.05 3.54
N ARG E 319 -6.98 -7.77 4.80
CA ARG E 319 -8.20 -7.04 5.15
C ARG E 319 -8.48 -5.91 4.16
N VAL E 320 -9.63 -5.96 3.51
CA VAL E 320 -10.05 -4.92 2.56
C VAL E 320 -10.51 -3.73 3.37
N SER E 321 -9.65 -2.71 3.49
CA SER E 321 -9.88 -1.64 4.45
C SER E 321 -10.87 -0.58 3.94
N CYS E 322 -10.93 -0.34 2.63
CA CYS E 322 -11.72 0.76 2.10
C CYS E 322 -12.30 0.41 0.74
N LEU E 323 -13.55 0.82 0.53
CA LEU E 323 -14.22 0.73 -0.76
C LEU E 323 -14.62 2.13 -1.22
N GLY E 324 -14.61 2.30 -2.54
CA GLY E 324 -15.30 3.43 -3.14
C GLY E 324 -15.74 3.21 -4.57
N VAL E 325 -17.01 3.50 -4.87
CA VAL E 325 -17.51 3.59 -6.23
C VAL E 325 -17.36 5.00 -6.76
N THR E 326 -16.92 5.10 -8.02
CA THR E 326 -16.81 6.39 -8.69
C THR E 326 -18.18 7.08 -8.77
N ASP E 327 -18.15 8.42 -8.84
CA ASP E 327 -19.40 9.15 -8.98
C ASP E 327 -20.06 8.89 -10.32
N ASP E 328 -19.28 8.55 -11.35
CA ASP E 328 -19.85 8.06 -12.59
C ASP E 328 -20.23 6.59 -12.52
N GLY E 329 -19.90 5.92 -11.42
CA GLY E 329 -20.24 4.53 -11.24
C GLY E 329 -19.46 3.55 -12.10
N MET E 330 -18.47 4.00 -12.88
CA MET E 330 -17.83 3.08 -13.82
C MET E 330 -17.00 2.01 -13.12
N ALA E 331 -16.49 2.28 -11.91
CA ALA E 331 -15.66 1.32 -11.21
C ALA E 331 -15.80 1.43 -9.71
N VAL E 332 -15.45 0.35 -9.02
CA VAL E 332 -15.21 0.33 -7.58
C VAL E 332 -13.72 0.15 -7.34
N ALA E 333 -13.12 1.08 -6.58
CA ALA E 333 -11.79 0.91 -6.02
C ALA E 333 -11.85 0.21 -4.66
N THR E 334 -10.80 -0.58 -4.37
CA THR E 334 -10.72 -1.37 -3.13
C THR E 334 -9.28 -1.34 -2.63
N GLY E 335 -9.06 -0.70 -1.49
CA GLY E 335 -7.78 -0.75 -0.80
C GLY E 335 -7.79 -1.82 0.27
N SER E 336 -6.61 -2.35 0.58
CA SER E 336 -6.46 -3.36 1.61
C SER E 336 -5.19 -3.11 2.40
N TRP E 337 -5.12 -3.80 3.54
CA TRP E 337 -3.92 -3.87 4.38
C TRP E 337 -2.72 -4.51 3.70
N ASP E 338 -2.91 -5.12 2.52
CA ASP E 338 -1.78 -5.65 1.78
C ASP E 338 -1.01 -4.57 1.00
N SER E 339 -1.40 -3.29 1.13
CA SER E 339 -0.89 -2.10 0.46
C SER E 339 -1.32 -1.91 -0.99
N PHE E 340 -2.12 -2.78 -1.53
CA PHE E 340 -2.57 -2.66 -2.90
C PHE E 340 -3.98 -2.07 -2.98
N LEU E 341 -4.25 -1.39 -4.09
CA LEU E 341 -5.52 -0.70 -4.36
C LEU E 341 -6.04 -1.10 -5.74
N LYS E 342 -7.05 -1.96 -5.75
CA LYS E 342 -7.55 -2.56 -6.98
C LYS E 342 -8.84 -1.89 -7.48
N ILE E 343 -8.88 -1.60 -8.75
CA ILE E 343 -10.06 -1.03 -9.41
C ILE E 343 -10.77 -2.10 -10.22
N TRP E 344 -12.09 -2.26 -9.99
CA TRP E 344 -12.84 -3.35 -10.60
C TRP E 344 -14.00 -2.82 -11.47
N ASN E 345 -14.20 -3.43 -12.65
CA ASN E 345 -15.53 -3.53 -13.27
C ASN E 345 -15.64 -4.75 -14.18
N GLY E 346 -16.86 -5.21 -14.29
CA GLY E 346 -17.30 -5.95 -15.44
C GLY E 346 -17.38 -5.18 -16.73
N SER E 347 -17.40 -5.96 -17.84
CA SER E 347 -17.35 -5.50 -19.22
C SER E 347 -18.28 -6.31 -20.13
N SER E 348 -19.27 -6.99 -19.58
CA SER E 348 -20.20 -7.78 -20.38
C SER E 348 -19.45 -8.77 -21.29
N TYR F 2 25.19 -41.18 -28.70
CA TYR F 2 24.44 -42.24 -29.37
C TYR F 2 23.44 -42.87 -28.42
N SER F 3 23.96 -43.44 -27.35
CA SER F 3 23.18 -44.31 -26.48
C SER F 3 22.04 -43.55 -25.79
N NLE F 4 22.34 -42.31 -25.39
CA NLE F 4 21.41 -41.45 -24.68
C NLE F 4 20.99 -42.16 -23.43
O NLE F 4 20.26 -43.07 -23.50
CB NLE F 4 20.15 -41.11 -25.47
CG NLE F 4 19.11 -40.32 -24.67
CD NLE F 4 19.22 -38.83 -24.97
CE NLE F 4 17.89 -38.12 -24.89
N GLU F 5 21.44 -41.67 -22.27
CA GLU F 5 21.06 -42.29 -21.01
C GLU F 5 20.56 -41.20 -20.07
N HIS F 6 19.67 -41.54 -19.16
CA HIS F 6 19.28 -40.60 -18.09
C HIS F 6 20.46 -39.85 -17.37
N DPN F 7 20.29 -38.54 -17.12
CA DPN F 7 21.35 -37.73 -16.50
C DPN F 7 22.66 -37.74 -17.23
O DPN F 7 22.68 -37.64 -18.46
CB DPN F 7 20.86 -36.28 -16.25
CG DPN F 7 21.90 -35.37 -15.53
CD1 DPN F 7 22.55 -34.39 -16.21
CD2 DPN F 7 22.21 -35.57 -14.21
CE1 DPN F 7 23.48 -33.55 -15.55
CE2 DPN F 7 23.15 -34.77 -13.57
CZ DPN F 7 23.77 -33.75 -14.23
N ARG F 8 23.72 -37.92 -16.45
CA ARG F 8 25.09 -37.96 -16.98
C ARG F 8 26.01 -38.65 -15.96
N TRP F 9 27.16 -39.15 -16.44
CA TRP F 9 28.13 -39.85 -15.59
C TRP F 9 27.55 -41.12 -14.95
N GLY F 10 26.43 -41.60 -15.50
CA GLY F 10 25.75 -42.74 -14.92
C GLY F 10 26.53 -44.02 -15.00
N LYS F 11 27.53 -44.09 -15.86
CA LYS F 11 28.42 -45.23 -15.93
C LYS F 11 29.84 -44.72 -16.07
N PRO F 12 30.82 -45.46 -15.56
CA PRO F 12 32.18 -44.97 -15.55
C PRO F 12 32.74 -44.80 -16.94
N VAL F 13 33.66 -43.84 -17.07
CA VAL F 13 34.43 -43.54 -18.26
C VAL F 13 33.63 -43.67 -19.57
CA CA G . 21.67 -37.50 -20.64
#